data_6ZA1
#
_entry.id   6ZA1
#
_cell.length_a   106.156
_cell.length_b   63.415
_cell.length_c   110.044
_cell.angle_alpha   90.000
_cell.angle_beta   104.785
_cell.angle_gamma   90.000
#
_symmetry.space_group_name_H-M   'C 1 2 1'
#
loop_
_entity.id
_entity.type
_entity.pdbx_description
1 polymer 'Periplasmic [NiFeSe] hydrogenase, small subunit'
2 polymer 'Periplasmic [NiFeSe] hydrogenase, large subunit, selenocysteine-containing'
3 non-polymer 'IRON/SULFUR CLUSTER'
4 non-polymer 'oxygen-damaged SF4'
5 non-polymer GLYCEROL
6 non-polymer 'OXYGEN MOLECULE'
7 non-polymer 'CARBONMONOXIDE-(DICYANO) IRON'
8 non-polymer 'NICKEL (II) ION'
9 non-polymer 'FE (II) ION'
10 non-polymer 'HYDROSULFURIC ACID'
11 water water
#
loop_
_entity_poly.entity_id
_entity_poly.type
_entity_poly.pdbx_seq_one_letter_code
_entity_poly.pdbx_strand_id
1 'polypeptide(L)'
;GTLTGERPPVFWLQGQGCTGCSVTLLNSVHPSIADVLLKVISLEFHPTVMAWEGEHAIEHMRKVAEKFKGKFFLVIEGSV
PVEADGKYCIIGEANHHEISMVDALKEFGPNAAAVLAVGTCAAYGGIPAAEGSETGATAVSKFLGDNGIKTPVVNIPGCP
PHPDWIVGTVVLALDAIKKNGLEGGLAEVVKVLDSDGRPTPFFGRNIHENCPYLDKYDEGVMSATFTDKVGCRYDLGCKG
PMTMADCFERKWNGGVNWCVQNAVCIGCVEPDFPDGKSPFYQA
;
A
2 'polypeptide(L)'
;GATGRTTIAIDPVTRIEGHLKAEVVVENGKVVDARLSGGMYRGFETILRGRDPRDASQIVQRICGVCPTAHSTASVLALD
EAFGAKVPNNGRITRNLIFGANYLQSHILHFYHLSAQDFVQGPDTAPFVPRFPKSDLRLSKELNKAGVDQYIEALEVRRI
CHEMVALFGGRMPHVQGQVVGGATEIPTKEKLVEYAARFKKVRDFVEQKYVPVVYTIGSKYKDMFKVGQGFKAALCVGAF
PLDNSGKKHLFMPGVYAKGKDMPFDPSKIKEYVKYSWFAEETTGLNYKEGKTIPAPDKAGAYSFVKAPRYDGLSLEVGPL
ARMWVNNPELSPVGKKLLKDLFGISAKKFRDLGEEAAFSLMGRHVARAEETYYMLGAIEGWLKEIKAGEDTVVMPAVPAS
AEGTGFTEAPRGSLLHYVKVKDSKIDNYQIVSASLWNCNPRDDMGQRGAVEEALIGIPVDDIQNPVNVARLIRAFDPULA
CAVH
;
B
#
loop_
_chem_comp.id
_chem_comp.type
_chem_comp.name
_chem_comp.formula
6ML non-polymer 'oxygen-damaged SF4' 'Fe4 O2 S4'
FCO non-polymer 'CARBONMONOXIDE-(DICYANO) IRON' 'C3 Fe N2 O'
FE2 non-polymer 'FE (II) ION' 'Fe 2'
GOL non-polymer GLYCEROL 'C3 H8 O3'
H2S non-polymer 'HYDROSULFURIC ACID' 'H2 S'
NI non-polymer 'NICKEL (II) ION' 'Ni 2'
OXY non-polymer 'OXYGEN MOLECULE' O2
SF4 non-polymer 'IRON/SULFUR CLUSTER' 'Fe4 S4'
#
# COMPACT_ATOMS: atom_id res chain seq x y z
N GLY A 5 14.09 29.77 3.03
CA GLY A 5 14.25 29.74 4.47
C GLY A 5 14.55 28.36 5.03
N GLU A 6 14.65 28.29 6.36
CA GLU A 6 14.94 27.02 7.03
C GLU A 6 13.65 26.21 7.12
N ARG A 7 13.63 25.07 6.44
CA ARG A 7 12.43 24.25 6.38
C ARG A 7 12.17 23.61 7.73
N PRO A 8 10.94 23.65 8.23
CA PRO A 8 10.67 23.09 9.57
C PRO A 8 10.86 21.59 9.58
N PRO A 9 11.36 21.03 10.68
CA PRO A 9 11.46 19.58 10.79
C PRO A 9 10.08 18.95 10.96
N VAL A 10 9.87 17.84 10.25
CA VAL A 10 8.62 17.10 10.30
C VAL A 10 8.94 15.64 10.61
N PHE A 11 8.22 15.05 11.56
CA PHE A 11 8.23 13.61 11.77
C PHE A 11 6.86 13.07 11.36
N TRP A 12 6.87 12.00 10.58
CA TRP A 12 5.65 11.37 10.08
C TRP A 12 5.57 10.00 10.75
N LEU A 13 4.63 9.85 11.68
CA LEU A 13 4.44 8.60 12.40
C LEU A 13 3.18 7.91 11.91
N GLN A 14 3.30 6.64 11.56
CA GLN A 14 2.18 5.85 11.07
C GLN A 14 1.71 4.94 12.21
N GLY A 15 0.43 5.06 12.58
CA GLY A 15 -0.21 4.16 13.50
C GLY A 15 -0.95 3.08 12.72
N GLN A 16 -2.26 2.95 12.95
CA GLN A 16 -3.08 2.01 12.18
C GLN A 16 -3.55 2.70 10.91
N GLY A 17 -2.60 2.90 10.00
CA GLY A 17 -2.88 3.46 8.70
C GLY A 17 -2.55 2.46 7.60
N CYS A 18 -2.95 2.81 6.38
CA CYS A 18 -2.72 1.98 5.21
C CYS A 18 -1.69 2.60 4.25
N THR A 19 -1.05 3.70 4.65
CA THR A 19 -0.02 4.41 3.87
C THR A 19 -0.70 5.17 2.74
N GLY A 20 -2.04 5.18 2.69
CA GLY A 20 -2.75 5.94 1.68
C GLY A 20 -2.53 7.43 1.80
N CYS A 21 -2.27 7.93 2.99
N CYS A 21 -2.31 7.93 3.02
CA CYS A 21 -2.05 9.36 3.19
CA CYS A 21 -2.01 9.35 3.20
C CYS A 21 -0.64 9.78 2.76
C CYS A 21 -0.68 9.69 2.55
N SER A 22 0.34 8.88 2.78
CA SER A 22 1.63 9.13 2.14
C SER A 22 1.50 9.07 0.62
N VAL A 23 0.81 8.05 0.11
CA VAL A 23 0.67 7.91 -1.34
C VAL A 23 -0.07 9.09 -1.95
N THR A 24 -1.16 9.52 -1.32
CA THR A 24 -1.90 10.66 -1.86
C THR A 24 -1.02 11.90 -1.92
N LEU A 25 -0.19 12.10 -0.90
CA LEU A 25 0.75 13.23 -0.91
C LEU A 25 1.73 13.13 -2.07
N LEU A 26 2.21 11.92 -2.38
CA LEU A 26 3.09 11.74 -3.53
C LEU A 26 2.44 12.18 -4.83
N ASN A 27 1.11 12.28 -4.87
CA ASN A 27 0.41 12.68 -6.08
C ASN A 27 0.20 14.19 -6.20
N SER A 28 0.79 14.99 -5.29
CA SER A 28 0.64 16.43 -5.39
C SER A 28 1.18 16.93 -6.72
N VAL A 29 0.42 17.82 -7.37
CA VAL A 29 0.83 18.31 -8.67
C VAL A 29 1.66 19.58 -8.54
N HIS A 30 1.10 20.59 -7.89
CA HIS A 30 1.78 21.86 -7.72
C HIS A 30 1.50 22.33 -6.30
N PRO A 31 2.52 22.36 -5.42
CA PRO A 31 3.89 21.95 -5.71
C PRO A 31 4.01 20.43 -5.84
N SER A 32 5.00 19.96 -6.58
CA SER A 32 5.25 18.53 -6.62
C SER A 32 5.83 18.05 -5.29
N ILE A 33 5.79 16.75 -5.08
CA ILE A 33 6.32 16.18 -3.84
C ILE A 33 7.82 16.45 -3.70
N ALA A 34 8.57 16.44 -4.81
CA ALA A 34 9.99 16.77 -4.72
C ALA A 34 10.17 18.21 -4.21
N ASP A 35 9.37 19.13 -4.72
CA ASP A 35 9.43 20.50 -4.24
C ASP A 35 9.04 20.58 -2.77
N VAL A 36 8.05 19.81 -2.35
CA VAL A 36 7.66 19.80 -0.94
C VAL A 36 8.82 19.34 -0.07
N LEU A 37 9.48 18.25 -0.46
CA LEU A 37 10.53 17.67 0.37
C LEU A 37 11.82 18.48 0.32
N LEU A 38 12.13 19.12 -0.80
CA LEU A 38 13.40 19.82 -0.93
C LEU A 38 13.30 21.30 -0.62
N LYS A 39 12.09 21.86 -0.58
CA LYS A 39 11.95 23.29 -0.44
C LYS A 39 10.94 23.76 0.61
N VAL A 40 10.05 22.91 1.10
CA VAL A 40 8.97 23.33 1.99
C VAL A 40 9.15 22.78 3.41
N ILE A 41 9.36 21.48 3.53
CA ILE A 41 9.55 20.85 4.84
C ILE A 41 10.88 20.12 4.83
N SER A 42 11.33 19.78 6.02
CA SER A 42 12.45 18.86 6.20
C SER A 42 11.88 17.59 6.84
N LEU A 43 11.66 16.56 6.02
CA LEU A 43 11.04 15.32 6.49
C LEU A 43 12.13 14.45 7.10
N GLU A 44 12.27 14.56 8.42
CA GLU A 44 13.38 13.98 9.13
C GLU A 44 13.15 12.51 9.49
N PHE A 45 11.89 12.11 9.67
CA PHE A 45 11.53 10.71 9.93
C PHE A 45 10.28 10.40 9.15
N HIS A 46 10.34 9.36 8.35
CA HIS A 46 9.18 8.85 7.65
C HIS A 46 9.54 7.42 7.27
N PRO A 47 8.90 6.41 7.85
CA PRO A 47 9.41 5.05 7.65
C PRO A 47 9.32 4.56 6.22
N THR A 48 8.43 5.12 5.40
CA THR A 48 8.25 4.60 4.05
C THR A 48 9.35 5.07 3.10
N VAL A 49 9.97 6.21 3.37
CA VAL A 49 10.83 6.82 2.35
C VAL A 49 12.23 7.17 2.82
N MET A 50 12.50 7.08 4.12
CA MET A 50 13.75 7.60 4.64
C MET A 50 14.90 6.62 4.42
N ALA A 51 16.12 7.18 4.40
CA ALA A 51 17.31 6.39 4.07
C ALA A 51 17.66 5.41 5.19
N TRP A 52 17.69 5.89 6.44
CA TRP A 52 18.15 5.04 7.53
C TRP A 52 17.01 4.17 8.06
N GLU A 53 17.28 3.41 9.11
CA GLU A 53 16.39 2.34 9.51
C GLU A 53 16.60 2.03 10.97
N GLY A 54 15.62 1.33 11.55
CA GLY A 54 15.76 0.73 12.85
C GLY A 54 16.01 1.74 13.96
N GLU A 55 16.80 1.32 14.94
CA GLU A 55 17.06 2.18 16.09
CA GLU A 55 17.06 2.17 16.10
C GLU A 55 17.77 3.46 15.70
N HIS A 56 18.56 3.42 14.62
CA HIS A 56 19.24 4.65 14.19
C HIS A 56 18.24 5.67 13.69
N ALA A 57 17.21 5.23 12.99
CA ALA A 57 16.16 6.13 12.54
C ALA A 57 15.40 6.71 13.73
N ILE A 58 15.10 5.87 14.72
CA ILE A 58 14.42 6.34 15.91
C ILE A 58 15.29 7.34 16.66
N GLU A 59 16.57 7.03 16.82
CA GLU A 59 17.45 7.92 17.55
C GLU A 59 17.65 9.24 16.80
N HIS A 60 17.69 9.18 15.47
CA HIS A 60 17.79 10.42 14.71
C HIS A 60 16.60 11.31 14.98
N MET A 61 15.39 10.74 14.95
CA MET A 61 14.20 11.51 15.28
C MET A 61 14.29 12.09 16.68
N ARG A 62 14.76 11.29 17.65
CA ARG A 62 14.87 11.80 19.02
C ARG A 62 15.85 12.96 19.12
N LYS A 63 16.96 12.88 18.37
CA LYS A 63 17.95 13.96 18.43
C LYS A 63 17.40 15.24 17.82
N VAL A 64 16.71 15.13 16.68
CA VAL A 64 16.06 16.30 16.08
C VAL A 64 14.98 16.83 17.02
N ALA A 65 14.21 15.93 17.64
CA ALA A 65 13.14 16.37 18.53
C ALA A 65 13.70 17.15 19.72
N GLU A 66 14.83 16.70 20.27
CA GLU A 66 15.49 17.44 21.33
C GLU A 66 15.95 18.81 20.85
N LYS A 67 16.63 18.85 19.71
CA LYS A 67 17.18 20.09 19.20
C LYS A 67 16.09 21.10 18.89
N PHE A 68 14.95 20.64 18.39
CA PHE A 68 13.85 21.49 17.94
C PHE A 68 12.61 21.32 18.80
N LYS A 69 12.82 21.11 20.10
CA LYS A 69 11.74 20.95 21.04
C LYS A 69 10.76 22.11 20.94
N GLY A 70 9.47 21.78 20.78
CA GLY A 70 8.42 22.77 20.64
C GLY A 70 8.28 23.35 19.25
N LYS A 71 9.10 22.90 18.31
CA LYS A 71 9.18 23.54 17.00
C LYS A 71 9.01 22.58 15.84
N PHE A 72 8.97 21.28 16.08
CA PHE A 72 8.74 20.36 14.99
C PHE A 72 7.25 20.10 14.81
N PHE A 73 6.90 19.69 13.59
CA PHE A 73 5.55 19.27 13.29
C PHE A 73 5.49 17.76 13.29
N LEU A 74 4.46 17.22 13.92
CA LEU A 74 4.24 15.79 13.99
C LEU A 74 3.03 15.47 13.12
N VAL A 75 3.25 14.75 12.03
CA VAL A 75 2.15 14.21 11.22
C VAL A 75 1.84 12.83 11.77
N ILE A 76 0.57 12.61 12.10
CA ILE A 76 0.11 11.28 12.50
C ILE A 76 -0.82 10.76 11.44
N GLU A 77 -0.52 9.56 10.91
N GLU A 77 -0.49 9.60 10.92
CA GLU A 77 -1.32 8.86 9.90
CA GLU A 77 -1.35 8.87 10.02
C GLU A 77 -1.74 7.50 10.47
C GLU A 77 -1.84 7.65 10.78
N GLY A 78 -3.04 7.21 10.44
CA GLY A 78 -3.65 6.11 11.18
C GLY A 78 -4.15 6.41 12.59
N SER A 79 -4.98 5.48 13.10
CA SER A 79 -5.48 5.61 14.46
C SER A 79 -4.47 5.07 15.46
N VAL A 80 -4.72 5.35 16.74
CA VAL A 80 -3.84 4.94 17.83
C VAL A 80 -4.58 3.88 18.64
N PRO A 81 -4.15 2.60 18.60
CA PRO A 81 -4.89 1.55 19.33
C PRO A 81 -4.41 1.44 20.77
N VAL A 82 -5.33 1.51 21.73
CA VAL A 82 -4.97 1.54 23.15
C VAL A 82 -5.15 0.20 23.84
N GLU A 83 -5.83 -0.76 23.21
CA GLU A 83 -6.02 -2.05 23.85
C GLU A 83 -4.71 -2.82 23.94
N ALA A 84 -4.70 -3.81 24.84
CA ALA A 84 -3.54 -4.69 25.01
C ALA A 84 -2.28 -3.88 25.25
N ASP A 85 -2.39 -2.83 26.06
CA ASP A 85 -1.25 -2.00 26.45
C ASP A 85 -0.51 -1.44 25.23
N GLY A 86 -1.24 -1.14 24.16
CA GLY A 86 -0.67 -0.56 22.96
C GLY A 86 -0.08 -1.54 21.96
N LYS A 87 -0.18 -2.84 22.23
CA LYS A 87 0.58 -3.84 21.46
C LYS A 87 0.05 -4.05 20.06
N TYR A 88 -1.12 -3.51 19.71
CA TYR A 88 -1.62 -3.64 18.34
C TYR A 88 -0.93 -2.70 17.37
N CYS A 89 -0.02 -1.83 17.83
CA CYS A 89 0.79 -1.03 16.89
C CYS A 89 2.15 -0.73 17.51
N ILE A 90 3.17 -1.50 17.11
CA ILE A 90 4.55 -1.25 17.49
C ILE A 90 5.25 -0.57 16.32
N ILE A 91 5.85 0.59 16.57
CA ILE A 91 6.44 1.40 15.51
C ILE A 91 7.95 1.38 15.49
N GLY A 92 8.61 0.81 16.49
CA GLY A 92 10.05 0.76 16.49
C GLY A 92 10.56 0.10 17.75
N GLU A 93 11.89 0.01 17.83
CA GLU A 93 12.57 -0.55 18.99
C GLU A 93 13.90 0.17 19.11
N ALA A 94 14.23 0.59 20.33
CA ALA A 94 15.50 1.26 20.60
C ALA A 94 15.88 0.92 22.03
N ASN A 95 17.19 0.74 22.25
CA ASN A 95 17.72 0.41 23.59
C ASN A 95 16.96 -0.78 24.19
N HIS A 96 16.73 -1.79 23.35
CA HIS A 96 16.09 -3.05 23.72
C HIS A 96 14.67 -2.87 24.24
N HIS A 97 13.99 -1.77 23.92
CA HIS A 97 12.57 -1.67 24.27
C HIS A 97 11.72 -1.32 23.06
N GLU A 98 10.61 -2.05 22.92
CA GLU A 98 9.67 -1.74 21.85
C GLU A 98 8.94 -0.44 22.16
N ILE A 99 8.54 0.24 21.10
CA ILE A 99 7.90 1.54 21.17
C ILE A 99 6.54 1.40 20.49
N SER A 100 5.47 1.47 21.27
CA SER A 100 4.13 1.44 20.67
C SER A 100 3.75 2.82 20.16
N MET A 101 2.68 2.85 19.35
N MET A 101 2.68 2.88 19.35
CA MET A 101 2.13 4.14 18.92
CA MET A 101 2.18 4.19 18.94
C MET A 101 1.73 4.96 20.14
C MET A 101 1.70 4.99 20.14
N VAL A 102 1.12 4.32 21.13
CA VAL A 102 0.75 5.00 22.37
C VAL A 102 1.99 5.67 22.97
N ASP A 103 3.09 4.93 23.08
CA ASP A 103 4.30 5.47 23.67
C ASP A 103 4.82 6.65 22.84
N ALA A 104 4.86 6.46 21.52
CA ALA A 104 5.43 7.48 20.63
C ALA A 104 4.64 8.78 20.72
N LEU A 105 3.31 8.69 20.74
CA LEU A 105 2.50 9.91 20.81
C LEU A 105 2.68 10.59 22.16
N LYS A 106 2.79 9.80 23.25
CA LYS A 106 3.06 10.38 24.56
C LYS A 106 4.45 11.00 24.60
N GLU A 107 5.41 10.45 23.85
CA GLU A 107 6.78 10.96 23.87
C GLU A 107 6.91 12.24 23.06
N PHE A 108 6.47 12.23 21.81
CA PHE A 108 6.65 13.36 20.89
C PHE A 108 5.49 14.35 20.91
N GLY A 109 4.27 13.90 21.17
CA GLY A 109 3.12 14.76 21.16
C GLY A 109 3.27 16.04 21.97
N PRO A 110 3.74 15.92 23.21
CA PRO A 110 3.85 17.12 24.07
C PRO A 110 4.87 18.14 23.59
N ASN A 111 5.81 17.74 22.74
CA ASN A 111 6.91 18.60 22.34
C ASN A 111 6.80 19.10 20.92
N ALA A 112 5.73 18.74 20.20
CA ALA A 112 5.51 19.26 18.86
C ALA A 112 4.91 20.66 18.92
N ALA A 113 5.22 21.46 17.90
CA ALA A 113 4.53 22.73 17.72
C ALA A 113 3.07 22.50 17.41
N ALA A 114 2.79 21.50 16.60
CA ALA A 114 1.41 21.16 16.24
C ALA A 114 1.42 19.72 15.77
N VAL A 115 0.27 19.07 15.92
CA VAL A 115 0.05 17.75 15.37
C VAL A 115 -0.92 17.87 14.19
N LEU A 116 -0.51 17.33 13.06
CA LEU A 116 -1.38 17.25 11.89
C LEU A 116 -1.88 15.81 11.81
N ALA A 117 -3.16 15.60 12.12
CA ALA A 117 -3.80 14.29 12.02
C ALA A 117 -4.31 14.16 10.59
N VAL A 118 -3.57 13.42 9.78
CA VAL A 118 -3.84 13.30 8.36
C VAL A 118 -4.63 12.02 8.13
N GLY A 119 -5.74 12.16 7.44
CA GLY A 119 -6.59 11.02 7.16
C GLY A 119 -7.67 10.84 8.21
N THR A 120 -8.76 10.20 7.78
CA THR A 120 -9.91 10.01 8.66
C THR A 120 -9.59 9.09 9.83
N CYS A 121 -8.70 8.11 9.65
CA CYS A 121 -8.32 7.27 10.79
C CYS A 121 -7.73 8.10 11.92
N ALA A 122 -6.70 8.91 11.60
CA ALA A 122 -6.07 9.73 12.63
C ALA A 122 -7.04 10.78 13.15
N ALA A 123 -7.85 11.37 12.27
CA ALA A 123 -8.71 12.47 12.69
C ALA A 123 -9.84 11.97 13.60
N TYR A 124 -10.48 10.86 13.22
CA TYR A 124 -11.76 10.49 13.82
C TYR A 124 -11.86 9.02 14.22
N GLY A 125 -10.86 8.21 13.90
CA GLY A 125 -10.92 6.78 14.19
C GLY A 125 -10.98 5.94 12.94
N GLY A 126 -11.92 6.27 12.05
CA GLY A 126 -12.01 5.65 10.75
C GLY A 126 -12.28 4.17 10.78
N ILE A 127 -11.85 3.49 9.71
CA ILE A 127 -12.12 2.07 9.58
C ILE A 127 -11.59 1.26 10.75
N PRO A 128 -10.37 1.51 11.28
CA PRO A 128 -9.91 0.70 12.42
C PRO A 128 -10.76 0.81 13.67
N ALA A 129 -11.53 1.89 13.84
CA ALA A 129 -12.40 2.06 14.98
C ALA A 129 -13.84 1.65 14.69
N ALA A 130 -14.11 1.11 13.51
CA ALA A 130 -15.47 0.83 13.11
C ALA A 130 -15.99 -0.45 13.75
N GLU A 131 -17.30 -0.67 13.60
CA GLU A 131 -17.94 -1.80 14.24
C GLU A 131 -17.26 -3.10 13.82
N GLY A 132 -17.04 -3.98 14.79
CA GLY A 132 -16.33 -5.22 14.58
C GLY A 132 -14.86 -5.17 14.93
N SER A 133 -14.33 -3.98 15.19
CA SER A 133 -12.94 -3.82 15.62
C SER A 133 -12.80 -4.12 17.10
N GLU A 134 -11.56 -4.43 17.50
CA GLU A 134 -11.31 -4.76 18.91
C GLU A 134 -9.93 -4.29 19.38
N THR A 135 -9.31 -3.32 18.72
CA THR A 135 -7.98 -2.85 19.11
C THR A 135 -8.02 -1.56 19.94
N GLY A 136 -9.19 -1.01 20.21
CA GLY A 136 -9.23 0.29 20.87
C GLY A 136 -8.70 1.41 20.00
N ALA A 137 -8.91 1.34 18.70
CA ALA A 137 -8.45 2.38 17.79
C ALA A 137 -9.05 3.72 18.19
N THR A 138 -8.19 4.73 18.35
CA THR A 138 -8.56 6.02 18.91
C THR A 138 -8.05 7.15 18.03
N ALA A 139 -8.90 8.16 17.84
CA ALA A 139 -8.51 9.36 17.12
C ALA A 139 -7.41 10.10 17.88
N VAL A 140 -6.56 10.80 17.11
CA VAL A 140 -5.41 11.49 17.70
C VAL A 140 -5.86 12.51 18.74
N SER A 141 -6.79 13.39 18.39
CA SER A 141 -7.18 14.44 19.32
C SER A 141 -7.74 13.85 20.61
N LYS A 142 -8.52 12.77 20.50
CA LYS A 142 -9.05 12.13 21.70
C LYS A 142 -7.93 11.51 22.53
N PHE A 143 -7.00 10.81 21.86
CA PHE A 143 -5.91 10.21 22.60
C PHE A 143 -5.12 11.28 23.35
N LEU A 144 -4.76 12.37 22.66
CA LEU A 144 -3.94 13.39 23.32
C LEU A 144 -4.72 14.03 24.47
N GLY A 145 -5.99 14.36 24.24
CA GLY A 145 -6.79 14.97 25.29
C GLY A 145 -7.00 14.07 26.49
N ASP A 146 -7.28 12.79 26.24
CA ASP A 146 -7.42 11.83 27.34
C ASP A 146 -6.15 11.76 28.18
N ASN A 147 -4.99 12.01 27.59
CA ASN A 147 -3.72 11.94 28.29
C ASN A 147 -3.19 13.31 28.71
N GLY A 148 -4.02 14.35 28.61
CA GLY A 148 -3.63 15.65 29.11
C GLY A 148 -2.61 16.38 28.27
N ILE A 149 -2.44 15.99 27.01
CA ILE A 149 -1.49 16.63 26.10
C ILE A 149 -2.24 17.70 25.31
N LYS A 150 -1.79 18.95 25.44
CA LYS A 150 -2.52 20.12 25.00
C LYS A 150 -2.08 20.63 23.62
N THR A 151 -1.17 19.95 22.96
CA THR A 151 -0.65 20.42 21.68
C THR A 151 -1.78 20.59 20.68
N PRO A 152 -1.80 21.69 19.92
CA PRO A 152 -2.90 21.85 18.95
C PRO A 152 -2.89 20.74 17.90
N VAL A 153 -4.08 20.33 17.51
CA VAL A 153 -4.29 19.31 16.50
C VAL A 153 -5.09 19.92 15.36
N VAL A 154 -4.60 19.75 14.14
CA VAL A 154 -5.33 20.11 12.93
C VAL A 154 -5.70 18.81 12.24
N ASN A 155 -6.99 18.61 11.98
CA ASN A 155 -7.45 17.42 11.29
C ASN A 155 -7.52 17.69 9.79
N ILE A 156 -6.91 16.81 9.00
CA ILE A 156 -6.98 16.88 7.54
C ILE A 156 -7.53 15.55 7.07
N PRO A 157 -8.84 15.35 7.14
CA PRO A 157 -9.41 14.02 6.89
C PRO A 157 -9.64 13.72 5.43
N GLY A 158 -10.33 12.60 5.21
CA GLY A 158 -10.37 11.98 3.90
C GLY A 158 -9.74 10.61 3.98
N CYS A 159 -10.18 9.70 3.13
CA CYS A 159 -9.71 8.31 3.11
C CYS A 159 -9.47 7.91 1.67
N PRO A 160 -8.39 8.42 1.05
CA PRO A 160 -7.45 9.36 1.68
C PRO A 160 -7.85 10.82 1.48
N PRO A 161 -7.13 11.74 2.14
CA PRO A 161 -7.25 13.15 1.76
C PRO A 161 -6.77 13.39 0.34
N HIS A 162 -7.28 14.47 -0.25
CA HIS A 162 -6.69 14.99 -1.47
C HIS A 162 -5.32 15.57 -1.15
N PRO A 163 -4.32 15.39 -2.00
CA PRO A 163 -3.01 15.97 -1.67
C PRO A 163 -3.07 17.46 -1.40
N ASP A 164 -3.95 18.18 -2.11
CA ASP A 164 -4.02 19.63 -1.93
C ASP A 164 -4.48 19.99 -0.53
N TRP A 165 -5.31 19.14 0.09
CA TRP A 165 -5.75 19.41 1.45
C TRP A 165 -4.59 19.31 2.42
N ILE A 166 -3.68 18.34 2.20
CA ILE A 166 -2.52 18.20 3.07
C ILE A 166 -1.52 19.33 2.83
N VAL A 167 -1.06 19.47 1.58
CA VAL A 167 -0.08 20.49 1.26
C VAL A 167 -0.64 21.88 1.54
N GLY A 168 -1.89 22.11 1.14
CA GLY A 168 -2.48 23.43 1.33
C GLY A 168 -2.60 23.82 2.79
N THR A 169 -2.92 22.86 3.65
CA THR A 169 -2.99 23.15 5.08
C THR A 169 -1.61 23.47 5.64
N VAL A 170 -0.59 22.70 5.23
CA VAL A 170 0.78 23.00 5.64
C VAL A 170 1.15 24.42 5.21
N VAL A 171 0.86 24.77 3.96
CA VAL A 171 1.22 26.10 3.45
C VAL A 171 0.49 27.18 4.23
N LEU A 172 -0.80 26.98 4.49
CA LEU A 172 -1.57 27.95 5.26
C LEU A 172 -0.98 28.15 6.64
N ALA A 173 -0.59 27.06 7.30
CA ALA A 173 0.00 27.18 8.63
C ALA A 173 1.34 27.87 8.57
N LEU A 174 2.20 27.50 7.62
CA LEU A 174 3.51 28.13 7.54
C LEU A 174 3.38 29.61 7.19
N ASP A 175 2.41 29.97 6.33
CA ASP A 175 2.17 31.39 6.06
C ASP A 175 1.79 32.12 7.35
N ALA A 176 0.86 31.55 8.12
CA ALA A 176 0.42 32.18 9.36
C ALA A 176 1.60 32.38 10.31
N ILE A 177 2.48 31.38 10.40
CA ILE A 177 3.62 31.46 11.30
C ILE A 177 4.64 32.48 10.82
N LYS A 178 4.85 32.58 9.50
CA LYS A 178 5.78 33.58 8.98
C LYS A 178 5.35 34.98 9.38
N LYS A 179 4.05 35.24 9.42
CA LYS A 179 3.56 36.59 9.63
C LYS A 179 3.21 36.87 11.08
N ASN A 180 3.04 35.84 11.90
CA ASN A 180 2.63 36.05 13.28
C ASN A 180 3.50 35.34 14.31
N GLY A 181 4.51 34.60 13.91
CA GLY A 181 5.23 33.74 14.83
C GLY A 181 4.47 32.45 15.06
N LEU A 182 5.11 31.55 15.81
CA LEU A 182 4.56 30.21 15.99
C LEU A 182 3.24 30.25 16.75
N GLU A 183 3.24 30.82 17.95
CA GLU A 183 2.01 30.83 18.75
C GLU A 183 0.92 31.67 18.08
N GLY A 184 1.28 32.88 17.64
CA GLY A 184 0.32 33.69 16.91
C GLY A 184 -0.20 33.01 15.65
N GLY A 185 0.69 32.37 14.90
CA GLY A 185 0.28 31.74 13.67
C GLY A 185 -0.62 30.54 13.90
N LEU A 186 -0.28 29.72 14.89
CA LEU A 186 -1.13 28.58 15.19
C LEU A 186 -2.49 29.03 15.71
N ALA A 187 -2.53 30.15 16.43
CA ALA A 187 -3.82 30.74 16.83
C ALA A 187 -4.66 31.06 15.60
N GLU A 188 -4.05 31.62 14.55
CA GLU A 188 -4.79 31.97 13.35
C GLU A 188 -5.28 30.72 12.62
N VAL A 189 -4.47 29.66 12.62
CA VAL A 189 -4.88 28.40 12.02
C VAL A 189 -6.09 27.83 12.76
N VAL A 190 -6.03 27.82 14.08
CA VAL A 190 -7.13 27.21 14.84
C VAL A 190 -8.43 27.96 14.56
N LYS A 191 -8.33 29.27 14.31
CA LYS A 191 -9.52 30.07 14.03
C LYS A 191 -10.21 29.67 12.73
N VAL A 192 -9.52 29.05 11.78
CA VAL A 192 -10.14 28.65 10.51
C VAL A 192 -10.48 27.16 10.50
N LEU A 193 -10.50 26.52 11.65
CA LEU A 193 -10.92 25.12 11.74
C LEU A 193 -12.41 25.07 12.09
N ASP A 194 -13.12 24.13 11.49
CA ASP A 194 -14.51 23.88 11.85
C ASP A 194 -14.56 23.11 13.17
N SER A 195 -15.78 22.80 13.61
CA SER A 195 -15.96 22.14 14.90
C SER A 195 -15.39 20.72 14.91
N ASP A 196 -15.10 20.16 13.74
CA ASP A 196 -14.45 18.87 13.61
C ASP A 196 -12.95 19.01 13.32
N GLY A 197 -12.40 20.20 13.53
CA GLY A 197 -10.97 20.41 13.41
C GLY A 197 -10.43 20.56 12.01
N ARG A 198 -11.30 20.78 11.01
CA ARG A 198 -10.94 20.76 9.60
C ARG A 198 -10.81 22.18 9.04
N PRO A 199 -9.79 22.46 8.22
CA PRO A 199 -9.67 23.82 7.66
C PRO A 199 -10.82 24.17 6.73
N THR A 200 -11.46 25.31 7.00
CA THR A 200 -12.64 25.67 6.22
C THR A 200 -12.36 25.97 4.75
N PRO A 201 -11.14 26.34 4.35
CA PRO A 201 -10.89 26.50 2.90
C PRO A 201 -11.17 25.24 2.09
N PHE A 202 -10.96 24.06 2.65
CA PHE A 202 -11.16 22.80 1.95
C PHE A 202 -12.42 22.07 2.36
N PHE A 203 -12.88 22.25 3.60
CA PHE A 203 -13.99 21.49 4.14
C PHE A 203 -15.18 22.36 4.53
N GLY A 204 -15.19 23.63 4.14
CA GLY A 204 -16.25 24.51 4.56
C GLY A 204 -17.50 24.49 3.71
N ARG A 205 -17.53 23.71 2.64
CA ARG A 205 -18.66 23.68 1.72
CA ARG A 205 -18.66 23.68 1.72
C ARG A 205 -19.12 22.24 1.50
N ASN A 206 -20.43 22.09 1.31
CA ASN A 206 -21.09 20.79 1.16
C ASN A 206 -21.02 20.29 -0.29
N ILE A 207 -20.74 18.99 -0.46
CA ILE A 207 -20.64 18.43 -1.80
C ILE A 207 -21.95 18.60 -2.57
N HIS A 208 -23.05 18.15 -1.97
CA HIS A 208 -24.31 18.07 -2.68
C HIS A 208 -24.84 19.44 -3.08
N GLU A 209 -24.74 20.43 -2.18
CA GLU A 209 -25.26 21.75 -2.50
C GLU A 209 -24.50 22.40 -3.65
N ASN A 210 -23.30 21.91 -3.95
CA ASN A 210 -22.46 22.43 -5.03
C ASN A 210 -22.26 21.38 -6.13
N CYS A 211 -23.11 20.35 -6.17
CA CYS A 211 -22.90 19.23 -7.08
C CYS A 211 -23.44 19.55 -8.47
N PRO A 212 -22.69 19.21 -9.53
CA PRO A 212 -23.22 19.45 -10.89
C PRO A 212 -24.49 18.68 -11.20
N TYR A 213 -24.81 17.60 -10.47
CA TYR A 213 -26.03 16.84 -10.74
C TYR A 213 -27.19 17.28 -9.87
N LEU A 214 -27.06 18.40 -9.14
CA LEU A 214 -28.13 18.83 -8.26
C LEU A 214 -29.43 19.11 -9.01
N ASP A 215 -29.34 19.59 -10.26
CA ASP A 215 -30.56 19.79 -11.04
C ASP A 215 -31.32 18.49 -11.22
N LYS A 216 -30.61 17.38 -11.47
CA LYS A 216 -31.26 16.09 -11.61
C LYS A 216 -31.86 15.62 -10.29
N TYR A 217 -31.13 15.82 -9.18
CA TYR A 217 -31.67 15.53 -7.87
C TYR A 217 -32.99 16.25 -7.65
N ASP A 218 -33.01 17.56 -7.93
CA ASP A 218 -34.22 18.35 -7.71
C ASP A 218 -35.37 17.90 -8.60
N GLU A 219 -35.08 17.41 -9.81
CA GLU A 219 -36.06 16.92 -10.76
C GLU A 219 -36.42 15.45 -10.53
N GLY A 220 -35.79 14.80 -9.57
CA GLY A 220 -36.04 13.39 -9.29
C GLY A 220 -35.56 12.43 -10.35
N VAL A 221 -34.59 12.83 -11.16
CA VAL A 221 -34.05 11.98 -12.21
C VAL A 221 -32.84 11.26 -11.61
N MET A 222 -33.01 9.97 -11.31
CA MET A 222 -32.00 9.19 -10.62
C MET A 222 -31.47 8.08 -11.52
N SER A 223 -30.16 7.90 -11.54
CA SER A 223 -29.59 6.78 -12.26
C SER A 223 -29.91 5.46 -11.57
N ALA A 224 -30.31 4.47 -12.36
CA ALA A 224 -30.57 3.13 -11.87
C ALA A 224 -29.39 2.19 -12.05
N THR A 225 -28.42 2.56 -12.88
CA THR A 225 -27.18 1.81 -13.05
C THR A 225 -26.02 2.79 -12.94
N PHE A 226 -24.89 2.30 -12.42
CA PHE A 226 -23.74 3.18 -12.19
C PHE A 226 -23.32 3.87 -13.49
N THR A 227 -23.44 3.19 -14.63
CA THR A 227 -22.90 3.71 -15.88
C THR A 227 -23.78 4.75 -16.54
N ASP A 228 -24.98 5.01 -16.01
CA ASP A 228 -25.83 6.11 -16.47
C ASP A 228 -25.33 7.39 -15.81
N LYS A 229 -24.66 8.24 -16.58
CA LYS A 229 -24.05 9.45 -16.04
C LYS A 229 -24.97 10.67 -16.14
N VAL A 230 -26.19 10.51 -16.65
CA VAL A 230 -27.12 11.64 -16.74
C VAL A 230 -27.79 11.91 -15.40
N GLY A 231 -28.24 10.87 -14.72
CA GLY A 231 -29.00 11.07 -13.51
C GLY A 231 -28.17 11.39 -12.28
N CYS A 232 -28.87 11.80 -11.22
CA CYS A 232 -28.29 11.92 -9.90
C CYS A 232 -27.99 10.53 -9.35
N ARG A 233 -26.97 10.46 -8.49
CA ARG A 233 -26.45 9.20 -7.96
C ARG A 233 -27.02 8.85 -6.59
N TYR A 234 -28.02 9.60 -6.11
CA TYR A 234 -28.52 9.39 -4.76
C TYR A 234 -29.04 7.97 -4.55
N ASP A 235 -29.82 7.45 -5.50
CA ASP A 235 -30.41 6.12 -5.31
C ASP A 235 -29.34 5.03 -5.34
N LEU A 236 -28.19 5.30 -5.96
CA LEU A 236 -27.08 4.37 -5.99
C LEU A 236 -26.24 4.44 -4.73
N GLY A 237 -26.55 5.36 -3.82
CA GLY A 237 -25.90 5.44 -2.52
C GLY A 237 -25.10 6.70 -2.26
N CYS A 238 -25.13 7.70 -3.13
CA CYS A 238 -24.30 8.89 -2.94
C CYS A 238 -24.55 9.55 -1.59
N LYS A 239 -23.47 9.79 -0.86
CA LYS A 239 -23.52 10.44 0.45
C LYS A 239 -23.13 11.92 0.38
N GLY A 240 -23.08 12.50 -0.82
CA GLY A 240 -22.82 13.91 -0.97
C GLY A 240 -23.63 14.82 -0.08
N PRO A 241 -24.92 14.53 0.15
CA PRO A 241 -25.72 15.41 1.02
C PRO A 241 -25.15 15.59 2.41
N MET A 242 -24.45 14.60 2.96
CA MET A 242 -23.94 14.65 4.33
C MET A 242 -22.43 14.86 4.39
N THR A 243 -21.82 15.41 3.34
CA THR A 243 -20.35 15.42 3.25
C THR A 243 -19.84 16.82 2.94
N MET A 244 -18.81 17.25 3.70
CA MET A 244 -18.21 18.58 3.58
C MET A 244 -16.81 18.45 2.98
N ALA A 245 -16.70 18.71 1.68
CA ALA A 245 -15.41 18.68 1.00
C ALA A 245 -15.56 19.39 -0.33
N ASP A 246 -14.43 19.75 -0.95
CA ASP A 246 -14.46 20.56 -2.17
C ASP A 246 -14.22 19.74 -3.43
N CYS A 247 -14.43 18.41 -3.36
CA CYS A 247 -14.16 17.53 -4.49
C CYS A 247 -14.96 17.90 -5.72
N PHE A 248 -16.12 18.53 -5.53
CA PHE A 248 -16.97 18.87 -6.67
C PHE A 248 -16.27 19.82 -7.65
N GLU A 249 -15.32 20.62 -7.18
CA GLU A 249 -14.56 21.46 -8.09
C GLU A 249 -13.06 21.15 -8.09
N ARG A 250 -12.52 20.61 -7.01
CA ARG A 250 -11.09 20.29 -6.97
C ARG A 250 -10.80 19.05 -7.82
N LYS A 251 -11.71 18.07 -7.81
CA LYS A 251 -11.52 16.80 -8.50
C LYS A 251 -10.32 16.06 -7.94
N TRP A 252 -9.92 14.98 -8.60
CA TRP A 252 -8.87 14.09 -8.10
C TRP A 252 -7.86 13.79 -9.18
N ASN A 253 -6.64 13.51 -8.75
CA ASN A 253 -5.58 12.98 -9.60
C ASN A 253 -5.39 13.83 -10.85
N GLY A 254 -5.10 15.11 -10.61
CA GLY A 254 -4.83 16.01 -11.71
C GLY A 254 -6.06 16.43 -12.47
N GLY A 255 -7.22 16.36 -11.84
CA GLY A 255 -8.46 16.77 -12.45
C GLY A 255 -9.10 15.77 -13.38
N VAL A 256 -8.66 14.50 -13.37
CA VAL A 256 -9.16 13.57 -14.37
C VAL A 256 -10.52 12.98 -14.00
N ASN A 257 -10.92 13.03 -12.74
CA ASN A 257 -12.17 12.42 -12.32
C ASN A 257 -12.48 12.84 -10.89
N TRP A 258 -13.65 12.47 -10.43
CA TRP A 258 -13.95 12.48 -8.99
C TRP A 258 -15.02 11.44 -8.70
N CYS A 259 -15.25 11.23 -7.40
CA CYS A 259 -16.03 10.06 -6.99
C CYS A 259 -17.46 10.11 -7.52
N VAL A 260 -18.09 11.28 -7.48
CA VAL A 260 -19.49 11.37 -7.88
C VAL A 260 -19.64 11.17 -9.38
N GLN A 261 -18.73 11.73 -10.18
CA GLN A 261 -18.79 11.50 -11.61
C GLN A 261 -18.64 10.02 -11.93
N ASN A 262 -17.71 9.34 -11.24
CA ASN A 262 -17.32 7.99 -11.58
C ASN A 262 -18.26 6.94 -10.97
N ALA A 263 -18.76 7.20 -9.76
CA ALA A 263 -19.60 6.25 -9.04
C ALA A 263 -20.44 7.01 -8.03
N VAL A 264 -20.07 6.96 -6.75
CA VAL A 264 -20.77 7.69 -5.69
C VAL A 264 -19.75 8.25 -4.71
N CYS A 265 -20.15 9.32 -4.00
CA CYS A 265 -19.40 9.76 -2.83
C CYS A 265 -19.77 8.86 -1.65
N ILE A 266 -18.76 8.46 -0.88
CA ILE A 266 -18.96 7.61 0.30
C ILE A 266 -18.75 8.38 1.60
N GLY A 267 -18.62 9.71 1.52
CA GLY A 267 -18.51 10.53 2.72
C GLY A 267 -17.22 10.35 3.49
N CYS A 268 -16.09 10.21 2.80
CA CYS A 268 -14.87 9.70 3.41
C CYS A 268 -14.20 10.70 4.34
N VAL A 269 -14.59 11.98 4.29
CA VAL A 269 -14.00 13.00 5.16
C VAL A 269 -14.79 13.24 6.43
N GLU A 270 -15.85 12.50 6.67
CA GLU A 270 -16.76 12.79 7.76
C GLU A 270 -16.43 11.99 9.01
N PRO A 271 -16.66 12.57 10.18
CA PRO A 271 -16.28 11.88 11.43
C PRO A 271 -16.93 10.52 11.63
N ASP A 272 -18.09 10.26 11.03
CA ASP A 272 -18.77 8.97 11.20
C ASP A 272 -18.39 7.96 10.11
N PHE A 273 -17.41 8.27 9.27
CA PHE A 273 -16.99 7.31 8.24
C PHE A 273 -16.19 6.19 8.89
N PRO A 274 -16.49 4.91 8.59
CA PRO A 274 -17.46 4.44 7.60
C PRO A 274 -18.87 4.11 8.08
N ASP A 275 -19.07 3.84 9.37
CA ASP A 275 -20.33 3.23 9.79
C ASP A 275 -21.53 4.13 9.53
N GLY A 276 -21.40 5.43 9.78
CA GLY A 276 -22.49 6.36 9.54
C GLY A 276 -22.75 6.68 8.09
N LYS A 277 -21.91 6.17 7.20
CA LYS A 277 -22.04 6.35 5.76
C LYS A 277 -22.34 5.04 5.04
N SER A 278 -22.62 3.97 5.78
CA SER A 278 -22.84 2.63 5.27
C SER A 278 -24.30 2.23 5.47
N PRO A 279 -24.86 1.37 4.61
CA PRO A 279 -24.28 0.79 3.39
C PRO A 279 -23.94 1.84 2.35
N PHE A 280 -22.85 1.61 1.63
CA PHE A 280 -22.39 2.61 0.67
C PHE A 280 -23.30 2.69 -0.56
N TYR A 281 -23.95 1.59 -0.92
CA TYR A 281 -24.62 1.50 -2.22
C TYR A 281 -26.14 1.45 -2.12
N GLN A 282 -26.69 1.96 -1.04
CA GLN A 282 -28.12 2.28 -0.99
C GLN A 282 -28.26 3.58 -0.21
N ALA A 283 -29.35 4.29 -0.48
CA ALA A 283 -29.59 5.57 0.18
C ALA A 283 -30.00 5.25 1.62
N THR B 3 34.56 -15.66 13.37
CA THR B 3 33.95 -14.83 14.40
C THR B 3 32.66 -15.46 14.91
N GLY B 4 32.23 -15.02 16.09
CA GLY B 4 31.06 -15.57 16.76
C GLY B 4 29.77 -14.90 16.37
N ARG B 5 28.82 -14.89 17.30
CA ARG B 5 27.47 -14.43 17.01
C ARG B 5 27.28 -12.97 17.35
N THR B 6 26.52 -12.27 16.50
CA THR B 6 25.90 -11.00 16.83
C THR B 6 24.44 -11.06 16.42
N THR B 7 23.54 -10.64 17.31
CA THR B 7 22.12 -10.61 17.02
C THR B 7 21.69 -9.16 16.77
N ILE B 8 21.04 -8.93 15.64
CA ILE B 8 20.72 -7.59 15.13
C ILE B 8 19.22 -7.49 14.97
N ALA B 9 18.63 -6.47 15.59
CA ALA B 9 17.21 -6.18 15.47
C ALA B 9 17.04 -4.86 14.74
N ILE B 10 16.14 -4.83 13.76
CA ILE B 10 15.88 -3.65 12.95
C ILE B 10 14.37 -3.39 13.04
N ASP B 11 13.99 -2.35 13.77
CA ASP B 11 12.59 -1.97 13.91
C ASP B 11 12.54 -0.45 14.08
N PRO B 12 11.99 0.29 13.12
CA PRO B 12 11.33 -0.16 11.90
C PRO B 12 12.28 -0.49 10.75
N VAL B 13 11.98 -1.56 10.01
CA VAL B 13 12.53 -1.67 8.67
C VAL B 13 11.88 -0.58 7.83
N THR B 14 12.69 0.26 7.21
CA THR B 14 12.19 1.41 6.46
C THR B 14 12.25 1.11 4.97
N ARG B 15 11.66 2.03 4.20
CA ARG B 15 11.57 1.89 2.74
C ARG B 15 10.94 0.55 2.36
N ILE B 16 9.93 0.18 3.16
CA ILE B 16 8.90 -0.79 2.85
C ILE B 16 7.58 -0.09 3.19
N GLU B 17 6.47 -0.78 2.97
CA GLU B 17 5.21 -0.30 3.51
C GLU B 17 4.92 -1.02 4.83
N GLY B 18 4.48 -0.26 5.82
CA GLY B 18 3.97 -0.85 7.04
C GLY B 18 5.05 -1.12 8.06
N HIS B 19 4.62 -1.84 9.09
CA HIS B 19 5.38 -1.98 10.33
C HIS B 19 6.01 -3.35 10.39
N LEU B 20 7.32 -3.40 10.28
CA LEU B 20 8.07 -4.65 10.29
C LEU B 20 9.28 -4.51 11.19
N LYS B 21 9.50 -5.52 12.04
CA LYS B 21 10.77 -5.73 12.70
C LYS B 21 11.43 -6.95 12.10
N ALA B 22 12.71 -6.85 11.79
CA ALA B 22 13.51 -8.01 11.42
C ALA B 22 14.57 -8.23 12.50
N GLU B 23 14.75 -9.49 12.89
CA GLU B 23 15.81 -9.85 13.80
C GLU B 23 16.60 -10.97 13.16
N VAL B 24 17.91 -10.78 13.04
CA VAL B 24 18.78 -11.78 12.44
C VAL B 24 19.86 -12.17 13.43
N VAL B 25 20.23 -13.45 13.39
CA VAL B 25 21.41 -13.97 14.05
C VAL B 25 22.50 -14.04 13.00
N VAL B 26 23.61 -13.35 13.24
CA VAL B 26 24.78 -13.37 12.37
C VAL B 26 25.86 -14.17 13.08
N GLU B 27 26.42 -15.17 12.41
CA GLU B 27 27.56 -15.90 12.92
C GLU B 27 28.58 -16.01 11.80
N ASN B 28 29.83 -15.65 12.11
CA ASN B 28 30.94 -15.75 11.17
C ASN B 28 30.65 -15.02 9.86
N GLY B 29 30.01 -13.86 9.96
CA GLY B 29 29.84 -13.01 8.81
C GLY B 29 28.64 -13.29 7.94
N LYS B 30 27.76 -14.20 8.35
CA LYS B 30 26.56 -14.48 7.58
C LYS B 30 25.36 -14.63 8.49
N VAL B 31 24.17 -14.29 7.95
CA VAL B 31 22.94 -14.57 8.66
C VAL B 31 22.74 -16.08 8.75
N VAL B 32 22.51 -16.58 9.96
CA VAL B 32 22.23 -18.00 10.16
C VAL B 32 20.84 -18.26 10.72
N ASP B 33 20.10 -17.22 11.10
CA ASP B 33 18.72 -17.37 11.53
C ASP B 33 18.04 -16.01 11.41
N ALA B 34 16.72 -16.04 11.33
CA ALA B 34 15.96 -14.81 11.13
C ALA B 34 14.54 -14.98 11.63
N ARG B 35 13.96 -13.87 12.06
CA ARG B 35 12.55 -13.79 12.43
C ARG B 35 12.03 -12.45 11.95
N LEU B 36 10.85 -12.47 11.33
CA LEU B 36 10.18 -11.24 10.90
CA LEU B 36 10.18 -11.24 10.90
C LEU B 36 8.91 -11.07 11.71
N SER B 37 8.68 -9.84 12.18
CA SER B 37 7.54 -9.54 13.05
CA SER B 37 7.54 -9.55 13.04
C SER B 37 6.74 -8.39 12.45
N GLY B 38 5.50 -8.68 12.08
CA GLY B 38 4.59 -7.62 11.69
C GLY B 38 3.89 -7.08 12.91
N GLY B 39 4.10 -5.80 13.20
CA GLY B 39 3.76 -5.25 14.49
C GLY B 39 2.50 -4.41 14.58
N MET B 40 1.68 -4.35 13.53
CA MET B 40 0.46 -3.56 13.57
C MET B 40 -0.72 -4.36 13.03
N TYR B 41 -1.82 -4.35 13.77
CA TYR B 41 -3.02 -5.11 13.45
C TYR B 41 -4.25 -4.20 13.48
N ARG B 42 -5.14 -4.42 12.52
CA ARG B 42 -6.43 -3.72 12.46
C ARG B 42 -7.62 -4.66 12.50
N GLY B 43 -7.56 -5.81 11.85
CA GLY B 43 -8.64 -6.80 11.94
C GLY B 43 -9.77 -6.60 10.97
N PHE B 44 -9.44 -6.38 9.70
CA PHE B 44 -10.47 -6.18 8.68
C PHE B 44 -11.43 -7.37 8.61
N GLU B 45 -10.94 -8.58 8.89
CA GLU B 45 -11.77 -9.77 8.76
C GLU B 45 -12.92 -9.77 9.77
N THR B 46 -12.76 -9.11 10.92
CA THR B 46 -13.85 -8.97 11.87
C THR B 46 -14.64 -7.68 11.67
N ILE B 47 -13.98 -6.59 11.26
CA ILE B 47 -14.68 -5.33 10.98
C ILE B 47 -15.72 -5.54 9.90
N LEU B 48 -15.42 -6.38 8.91
CA LEU B 48 -16.31 -6.58 7.78
C LEU B 48 -17.58 -7.32 8.13
N ARG B 49 -17.60 -8.08 9.23
CA ARG B 49 -18.75 -8.92 9.50
C ARG B 49 -20.00 -8.08 9.75
N GLY B 50 -21.12 -8.57 9.24
CA GLY B 50 -22.41 -7.94 9.44
C GLY B 50 -22.73 -6.82 8.48
N ARG B 51 -21.85 -6.50 7.55
CA ARG B 51 -22.07 -5.42 6.60
C ARG B 51 -22.75 -5.93 5.34
N ASP B 52 -23.41 -5.02 4.64
CA ASP B 52 -23.81 -5.24 3.25
C ASP B 52 -22.60 -5.73 2.48
N PRO B 53 -22.68 -6.90 1.82
CA PRO B 53 -21.47 -7.42 1.14
C PRO B 53 -20.87 -6.44 0.14
N ARG B 54 -21.70 -5.60 -0.50
CA ARG B 54 -21.17 -4.68 -1.49
C ARG B 54 -20.23 -3.66 -0.85
N ASP B 55 -20.41 -3.37 0.44
CA ASP B 55 -19.49 -2.44 1.09
C ASP B 55 -18.06 -2.97 1.07
N ALA B 56 -17.87 -4.29 0.96
CA ALA B 56 -16.53 -4.84 1.08
C ALA B 56 -15.59 -4.25 0.06
N SER B 57 -16.05 -4.00 -1.17
CA SER B 57 -15.16 -3.56 -2.24
C SER B 57 -14.66 -2.13 -2.02
N GLN B 58 -15.22 -1.40 -1.07
CA GLN B 58 -14.63 -0.17 -0.58
C GLN B 58 -13.82 -0.40 0.69
N ILE B 59 -14.38 -1.10 1.67
CA ILE B 59 -13.71 -1.26 2.96
C ILE B 59 -12.34 -1.93 2.76
N VAL B 60 -12.29 -2.99 1.96
CA VAL B 60 -11.05 -3.77 1.88
C VAL B 60 -9.91 -2.98 1.26
N GLN B 61 -10.21 -1.97 0.44
CA GLN B 61 -9.12 -1.21 -0.15
C GLN B 61 -8.29 -0.54 0.92
N ARG B 62 -8.90 -0.17 2.04
CA ARG B 62 -8.18 0.47 3.13
C ARG B 62 -7.27 -0.48 3.87
N ILE B 63 -7.19 -1.75 3.45
CA ILE B 63 -6.07 -2.57 3.92
C ILE B 63 -4.75 -1.91 3.57
N CYS B 64 -4.69 -1.27 2.41
CA CYS B 64 -3.43 -0.80 1.89
C CYS B 64 -3.66 0.26 0.82
N CSD B 64 -4.65 -1.29 2.40
CA CSD B 64 -3.35 -0.79 1.95
CB CSD B 64 -2.52 -2.03 1.64
SG CSD B 64 -0.92 -1.73 1.23
C CSD B 64 -3.45 0.16 0.79
O CSD B 64 -3.94 -0.23 -0.30
OD1 CSD B 64 -0.77 -0.45 0.59
OD2 CSD B 64 -0.08 -1.78 2.38
N GLY B 65 -3.00 1.40 0.98
CA GLY B 65 -3.12 2.47 0.02
C GLY B 65 -2.10 2.46 -1.09
N VAL B 66 -1.17 1.52 -1.06
CA VAL B 66 -0.25 1.31 -2.17
C VAL B 66 -0.84 0.35 -3.20
N CYS B 67 -1.51 -0.71 -2.73
CA CYS B 67 -2.10 -1.70 -3.62
C CYS B 67 -3.61 -1.82 -3.48
N PRO B 68 -4.35 -0.71 -3.35
CA PRO B 68 -5.79 -0.85 -3.11
C PRO B 68 -6.53 -1.47 -4.29
N THR B 69 -6.08 -1.24 -5.52
CA THR B 69 -6.77 -1.83 -6.66
C THR B 69 -6.71 -3.34 -6.65
N ALA B 70 -5.68 -3.93 -6.04
CA ALA B 70 -5.60 -5.39 -5.94
C ALA B 70 -6.68 -5.92 -5.01
N HIS B 71 -6.85 -5.29 -3.85
CA HIS B 71 -7.92 -5.69 -2.94
C HIS B 71 -9.28 -5.41 -3.54
N SER B 72 -9.43 -4.27 -4.22
CA SER B 72 -10.66 -3.99 -4.93
C SER B 72 -10.99 -5.12 -5.89
N THR B 73 -10.00 -5.52 -6.67
CA THR B 73 -10.19 -6.58 -7.67
C THR B 73 -10.54 -7.91 -7.01
N ALA B 74 -9.77 -8.32 -6.00
CA ALA B 74 -10.08 -9.60 -5.35
C ALA B 74 -11.47 -9.58 -4.76
N SER B 75 -11.86 -8.44 -4.19
CA SER B 75 -13.15 -8.32 -3.54
C SER B 75 -14.29 -8.37 -4.56
N VAL B 76 -14.18 -7.58 -5.64
CA VAL B 76 -15.27 -7.62 -6.61
C VAL B 76 -15.36 -8.98 -7.30
N LEU B 77 -14.21 -9.66 -7.51
CA LEU B 77 -14.30 -11.01 -8.08
C LEU B 77 -14.98 -11.97 -7.12
N ALA B 78 -14.68 -11.86 -5.82
CA ALA B 78 -15.34 -12.71 -4.84
C ALA B 78 -16.84 -12.43 -4.83
N LEU B 79 -17.21 -11.15 -4.85
CA LEU B 79 -18.62 -10.76 -4.90
C LEU B 79 -19.25 -11.18 -6.22
N ASP B 80 -18.55 -11.00 -7.34
CA ASP B 80 -19.08 -11.47 -8.62
C ASP B 80 -19.49 -12.93 -8.51
N GLU B 81 -18.59 -13.76 -7.97
CA GLU B 81 -18.88 -15.18 -7.84
C GLU B 81 -20.06 -15.43 -6.91
N ALA B 82 -20.02 -14.81 -5.73
CA ALA B 82 -21.07 -15.04 -4.73
C ALA B 82 -22.43 -14.57 -5.24
N PHE B 83 -22.46 -13.45 -5.95
CA PHE B 83 -23.72 -12.91 -6.43
C PHE B 83 -24.17 -13.54 -7.75
N GLY B 84 -23.27 -14.21 -8.46
CA GLY B 84 -23.58 -14.62 -9.82
C GLY B 84 -23.61 -13.48 -10.80
N ALA B 85 -22.84 -12.43 -10.54
CA ALA B 85 -22.76 -11.30 -11.45
C ALA B 85 -21.98 -11.68 -12.69
N LYS B 86 -22.57 -11.45 -13.87
CA LYS B 86 -21.91 -11.70 -15.14
C LYS B 86 -21.36 -10.37 -15.66
N VAL B 87 -20.07 -10.16 -15.44
CA VAL B 87 -19.43 -8.89 -15.80
C VAL B 87 -19.40 -8.75 -17.32
N PRO B 88 -19.90 -7.64 -17.88
CA PRO B 88 -19.80 -7.44 -19.32
C PRO B 88 -18.34 -7.42 -19.78
N ASN B 89 -18.12 -7.95 -20.99
CA ASN B 89 -16.78 -8.00 -21.54
C ASN B 89 -16.07 -6.65 -21.43
N ASN B 90 -16.76 -5.56 -21.80
CA ASN B 90 -16.10 -4.26 -21.76
C ASN B 90 -15.73 -3.85 -20.35
N GLY B 91 -16.50 -4.30 -19.35
CA GLY B 91 -16.15 -4.04 -17.97
C GLY B 91 -14.94 -4.85 -17.52
N ARG B 92 -14.79 -6.07 -18.03
CA ARG B 92 -13.57 -6.83 -17.76
C ARG B 92 -12.35 -6.07 -18.25
N ILE B 93 -12.42 -5.55 -19.48
CA ILE B 93 -11.29 -4.82 -20.04
C ILE B 93 -11.03 -3.55 -19.25
N THR B 94 -12.10 -2.84 -18.88
CA THR B 94 -11.93 -1.60 -18.12
C THR B 94 -11.28 -1.87 -16.78
N ARG B 95 -11.74 -2.92 -16.08
CA ARG B 95 -11.08 -3.31 -14.84
C ARG B 95 -9.59 -3.56 -15.05
N ASN B 96 -9.23 -4.25 -16.14
CA ASN B 96 -7.81 -4.51 -16.40
C ASN B 96 -7.04 -3.21 -16.60
N LEU B 97 -7.66 -2.21 -17.24
CA LEU B 97 -6.97 -0.94 -17.45
C LEU B 97 -6.77 -0.18 -16.15
N ILE B 98 -7.76 -0.24 -15.25
CA ILE B 98 -7.66 0.41 -13.94
C ILE B 98 -6.54 -0.22 -13.12
N PHE B 99 -6.59 -1.54 -12.97
CA PHE B 99 -5.66 -2.28 -12.13
C PHE B 99 -4.27 -2.33 -12.75
N GLY B 100 -4.20 -2.56 -14.06
CA GLY B 100 -2.91 -2.63 -14.72
C GLY B 100 -2.09 -1.36 -14.55
N ALA B 101 -2.75 -0.20 -14.56
CA ALA B 101 -2.02 1.05 -14.40
C ALA B 101 -1.38 1.13 -13.02
N ASN B 102 -1.99 0.50 -12.02
CA ASN B 102 -1.34 0.53 -10.71
C ASN B 102 -0.18 -0.44 -10.58
N TYR B 103 -0.12 -1.50 -11.40
CA TYR B 103 1.12 -2.27 -11.43
C TYR B 103 2.28 -1.37 -11.83
N LEU B 104 2.08 -0.57 -12.87
CA LEU B 104 3.12 0.37 -13.30
C LEU B 104 3.47 1.31 -12.17
N GLN B 105 2.47 1.87 -11.49
CA GLN B 105 2.73 2.79 -10.40
C GLN B 105 3.54 2.11 -9.30
N SER B 106 3.12 0.89 -8.93
CA SER B 106 3.67 0.23 -7.75
C SER B 106 5.11 -0.22 -7.97
N HIS B 107 5.39 -0.79 -9.14
CA HIS B 107 6.75 -1.25 -9.41
C HIS B 107 7.71 -0.07 -9.51
N ILE B 108 7.28 1.02 -10.14
CA ILE B 108 8.14 2.20 -10.24
C ILE B 108 8.35 2.81 -8.85
N LEU B 109 7.28 2.93 -8.07
CA LEU B 109 7.45 3.39 -6.69
C LEU B 109 8.42 2.50 -5.96
N HIS B 110 8.28 1.19 -6.13
CA HIS B 110 9.11 0.30 -5.33
C HIS B 110 10.57 0.43 -5.74
N PHE B 111 10.87 0.36 -7.03
CA PHE B 111 12.28 0.39 -7.37
C PHE B 111 12.92 1.72 -6.99
N TYR B 112 12.29 2.82 -7.37
CA TYR B 112 12.98 4.10 -7.19
C TYR B 112 12.83 4.65 -5.78
N HIS B 113 11.62 4.69 -5.25
CA HIS B 113 11.35 5.44 -4.02
C HIS B 113 11.51 4.60 -2.78
N LEU B 114 11.52 3.28 -2.90
CA LEU B 114 11.82 2.40 -1.78
CA LEU B 114 11.82 2.42 -1.78
C LEU B 114 13.18 1.76 -1.92
N SER B 115 13.49 1.17 -3.07
CA SER B 115 14.70 0.36 -3.18
C SER B 115 15.95 1.11 -3.60
N ALA B 116 15.84 2.15 -4.44
CA ALA B 116 17.03 2.66 -5.09
C ALA B 116 18.05 3.19 -4.09
N GLN B 117 17.59 3.77 -2.98
CA GLN B 117 18.53 4.26 -1.98
C GLN B 117 19.39 3.16 -1.38
N ASP B 118 19.04 1.89 -1.59
CA ASP B 118 19.93 0.80 -1.23
C ASP B 118 21.24 0.85 -2.01
N PHE B 119 21.24 1.50 -3.17
CA PHE B 119 22.37 1.51 -4.09
C PHE B 119 22.81 2.91 -4.48
N VAL B 120 22.00 3.93 -4.17
CA VAL B 120 22.20 5.30 -4.62
C VAL B 120 22.20 6.21 -3.40
N GLN B 121 23.15 7.14 -3.34
CA GLN B 121 23.16 8.19 -2.33
C GLN B 121 22.32 9.36 -2.81
N GLY B 122 21.29 9.72 -2.05
CA GLY B 122 20.44 10.84 -2.41
C GLY B 122 21.04 12.18 -2.03
N PRO B 123 20.27 13.23 -2.32
CA PRO B 123 20.70 14.59 -1.95
C PRO B 123 21.01 14.69 -0.46
N ASP B 124 21.87 15.66 -0.11
CA ASP B 124 22.36 15.80 1.26
C ASP B 124 21.38 16.57 2.13
N THR B 125 20.18 16.00 2.27
CA THR B 125 19.18 16.54 3.17
C THR B 125 18.17 15.44 3.48
N ALA B 126 17.49 15.58 4.61
CA ALA B 126 16.48 14.59 4.97
C ALA B 126 15.43 14.54 3.87
N PRO B 127 14.85 13.37 3.57
CA PRO B 127 14.97 12.08 4.26
C PRO B 127 16.09 11.17 3.73
N PHE B 128 17.02 11.73 2.96
CA PHE B 128 18.09 10.95 2.33
C PHE B 128 19.33 10.83 3.20
N VAL B 129 19.42 11.62 4.26
CA VAL B 129 20.46 11.53 5.29
C VAL B 129 19.79 11.79 6.64
N PRO B 130 20.44 11.35 7.73
CA PRO B 130 21.66 10.53 7.82
C PRO B 130 21.34 9.08 7.46
N ARG B 131 22.39 8.28 7.25
CA ARG B 131 22.25 6.87 6.93
C ARG B 131 23.50 6.17 7.41
N PHE B 132 23.60 4.88 7.12
CA PHE B 132 24.76 4.12 7.59
C PHE B 132 26.04 4.76 7.05
N PRO B 133 27.06 4.97 7.88
CA PRO B 133 28.29 5.57 7.35
C PRO B 133 29.00 4.71 6.31
N LYS B 134 28.84 3.39 6.37
CA LYS B 134 29.39 2.48 5.36
C LYS B 134 28.19 1.78 4.69
N SER B 135 27.55 2.50 3.77
CA SER B 135 26.32 2.05 3.14
C SER B 135 26.56 1.19 1.90
N ASP B 136 27.82 0.96 1.50
CA ASP B 136 28.13 0.11 0.35
C ASP B 136 27.44 0.62 -0.91
N LEU B 137 27.61 1.91 -1.17
CA LEU B 137 27.04 2.58 -2.33
C LEU B 137 28.16 2.68 -3.36
N ARG B 138 28.06 1.86 -4.42
CA ARG B 138 29.20 1.57 -5.27
C ARG B 138 29.22 2.37 -6.56
N LEU B 139 28.20 3.17 -6.84
CA LEU B 139 28.09 3.75 -8.17
C LEU B 139 29.03 4.94 -8.31
N SER B 140 29.51 5.13 -9.54
CA SER B 140 30.30 6.31 -9.83
C SER B 140 29.49 7.57 -9.57
N LYS B 141 30.18 8.71 -9.50
CA LYS B 141 29.47 9.97 -9.28
C LYS B 141 28.45 10.21 -10.37
N GLU B 142 28.80 9.91 -11.61
CA GLU B 142 27.90 10.11 -12.74
C GLU B 142 26.68 9.20 -12.64
N LEU B 143 26.91 7.91 -12.41
CA LEU B 143 25.82 6.96 -12.38
C LEU B 143 24.93 7.20 -11.17
N ASN B 144 25.54 7.55 -10.04
CA ASN B 144 24.74 7.90 -8.88
C ASN B 144 23.84 9.08 -9.18
N LYS B 145 24.39 10.12 -9.81
CA LYS B 145 23.59 11.28 -10.16
C LYS B 145 22.45 10.90 -11.10
N ALA B 146 22.72 10.00 -12.06
CA ALA B 146 21.66 9.53 -12.94
C ALA B 146 20.55 8.85 -12.14
N GLY B 147 20.91 8.05 -11.15
CA GLY B 147 19.91 7.42 -10.31
C GLY B 147 19.05 8.43 -9.57
N VAL B 148 19.68 9.49 -9.04
CA VAL B 148 18.91 10.52 -8.37
C VAL B 148 17.99 11.24 -9.36
N ASP B 149 18.52 11.60 -10.52
CA ASP B 149 17.70 12.23 -11.54
C ASP B 149 16.51 11.35 -11.89
N GLN B 150 16.71 10.03 -11.98
CA GLN B 150 15.61 9.15 -12.32
C GLN B 150 14.63 9.00 -11.16
N TYR B 151 15.13 9.00 -9.92
CA TYR B 151 14.26 9.00 -8.75
C TYR B 151 13.28 10.16 -8.84
N ILE B 152 13.80 11.34 -9.16
CA ILE B 152 12.98 12.55 -9.23
C ILE B 152 12.01 12.46 -10.40
N GLU B 153 12.48 12.05 -11.58
CA GLU B 153 11.58 11.87 -12.71
C GLU B 153 10.50 10.84 -12.39
N ALA B 154 10.88 9.75 -11.72
CA ALA B 154 9.93 8.69 -11.39
C ALA B 154 8.81 9.19 -10.47
N LEU B 155 9.07 10.22 -9.66
CA LEU B 155 7.98 10.79 -8.87
C LEU B 155 6.86 11.30 -9.77
N GLU B 156 7.23 11.94 -10.88
CA GLU B 156 6.21 12.38 -11.82
C GLU B 156 5.60 11.20 -12.55
N VAL B 157 6.41 10.22 -12.95
CA VAL B 157 5.89 9.09 -13.70
C VAL B 157 4.88 8.32 -12.86
N ARG B 158 5.19 8.03 -11.60
CA ARG B 158 4.24 7.29 -10.78
C ARG B 158 2.95 8.07 -10.58
N ARG B 159 3.04 9.41 -10.49
CA ARG B 159 1.83 10.22 -10.36
C ARG B 159 0.97 10.12 -11.61
N ILE B 160 1.60 10.15 -12.78
CA ILE B 160 0.89 9.96 -14.04
C ILE B 160 0.18 8.62 -14.07
N CYS B 161 0.81 7.58 -13.51
CA CYS B 161 0.16 6.27 -13.46
C CYS B 161 -1.13 6.32 -12.64
N HIS B 162 -1.13 7.08 -11.54
CA HIS B 162 -2.36 7.22 -10.77
C HIS B 162 -3.41 8.02 -11.52
N GLU B 163 -3.01 8.99 -12.35
CA GLU B 163 -3.99 9.63 -13.22
C GLU B 163 -4.61 8.60 -14.16
N MET B 164 -3.80 7.67 -14.67
CA MET B 164 -4.34 6.61 -15.52
C MET B 164 -5.35 5.78 -14.76
N VAL B 165 -5.02 5.38 -13.52
CA VAL B 165 -5.96 4.62 -12.69
C VAL B 165 -7.25 5.40 -12.52
N ALA B 166 -7.14 6.69 -12.21
CA ALA B 166 -8.31 7.47 -11.85
C ALA B 166 -9.21 7.80 -13.05
N LEU B 167 -8.68 7.76 -14.27
CA LEU B 167 -9.50 8.09 -15.43
C LEU B 167 -10.77 7.24 -15.48
N PHE B 168 -10.67 5.94 -15.21
CA PHE B 168 -11.83 5.06 -15.13
C PHE B 168 -12.10 4.56 -13.72
N GLY B 169 -11.21 4.86 -12.77
CA GLY B 169 -11.37 4.38 -11.41
C GLY B 169 -11.89 5.40 -10.43
N GLY B 170 -12.00 6.67 -10.83
CA GLY B 170 -12.58 7.69 -9.97
C GLY B 170 -11.58 8.54 -9.23
N ARG B 171 -10.66 7.88 -8.52
CA ARG B 171 -9.59 8.53 -7.79
C ARG B 171 -8.65 7.41 -7.37
N MET B 172 -7.48 7.80 -6.87
CA MET B 172 -6.50 6.84 -6.40
C MET B 172 -5.60 7.58 -5.44
N PRO B 173 -5.27 7.02 -4.27
CA PRO B 173 -5.72 5.73 -3.74
C PRO B 173 -7.23 5.58 -3.53
N HIS B 174 -7.68 4.32 -3.56
CA HIS B 174 -9.03 3.91 -3.21
C HIS B 174 -10.03 4.22 -4.31
N VAL B 175 -10.03 3.36 -5.33
CA VAL B 175 -10.90 3.58 -6.47
C VAL B 175 -12.36 3.48 -6.06
N GLN B 176 -13.19 4.23 -6.76
CA GLN B 176 -14.62 4.08 -6.69
C GLN B 176 -15.18 3.25 -7.85
N GLY B 177 -14.36 2.98 -8.87
CA GLY B 177 -14.84 2.50 -10.15
C GLY B 177 -15.01 1.02 -10.34
N GLN B 178 -14.63 0.20 -9.38
CA GLN B 178 -14.85 -1.24 -9.45
C GLN B 178 -15.90 -1.64 -8.42
N VAL B 179 -16.92 -2.36 -8.87
CA VAL B 179 -18.01 -2.85 -8.03
C VAL B 179 -18.32 -4.27 -8.48
N VAL B 180 -19.07 -4.99 -7.64
CA VAL B 180 -19.65 -6.24 -8.10
C VAL B 180 -20.40 -5.95 -9.39
N GLY B 181 -20.20 -6.78 -10.41
CA GLY B 181 -20.88 -6.60 -11.67
C GLY B 181 -20.12 -5.83 -12.73
N GLY B 182 -18.97 -5.25 -12.39
CA GLY B 182 -18.10 -4.69 -13.40
C GLY B 182 -17.37 -3.42 -13.00
N ALA B 183 -17.51 -2.40 -13.84
CA ALA B 183 -16.86 -1.11 -13.67
C ALA B 183 -17.92 -0.04 -13.84
N THR B 184 -17.82 1.02 -13.04
CA THR B 184 -18.93 1.97 -12.90
C THR B 184 -18.95 3.04 -13.98
N GLU B 185 -17.90 3.16 -14.81
CA GLU B 185 -17.80 4.22 -15.79
C GLU B 185 -17.36 3.67 -17.15
N ILE B 186 -18.23 3.81 -18.14
CA ILE B 186 -17.91 3.40 -19.51
C ILE B 186 -16.81 4.30 -20.05
N PRO B 187 -15.72 3.74 -20.58
CA PRO B 187 -14.71 4.61 -21.22
C PRO B 187 -15.26 5.31 -22.45
N THR B 188 -14.99 6.62 -22.53
CA THR B 188 -15.30 7.40 -23.73
C THR B 188 -14.04 7.48 -24.60
N LYS B 189 -14.26 7.83 -25.87
CA LYS B 189 -13.11 8.01 -26.76
C LYS B 189 -12.15 9.04 -26.17
N GLU B 190 -12.68 10.16 -25.68
CA GLU B 190 -11.83 11.24 -25.19
C GLU B 190 -10.97 10.77 -24.03
N LYS B 191 -11.56 10.03 -23.08
CA LYS B 191 -10.80 9.59 -21.93
C LYS B 191 -9.83 8.45 -22.28
N LEU B 192 -10.15 7.65 -23.29
CA LEU B 192 -9.19 6.66 -23.73
C LEU B 192 -7.96 7.32 -24.36
N VAL B 193 -8.15 8.42 -25.07
CA VAL B 193 -7.00 9.18 -25.57
C VAL B 193 -6.19 9.74 -24.41
N GLU B 194 -6.87 10.24 -23.37
CA GLU B 194 -6.15 10.76 -22.21
C GLU B 194 -5.33 9.66 -21.53
N TYR B 195 -5.91 8.47 -21.40
CA TYR B 195 -5.19 7.34 -20.79
C TYR B 195 -4.01 6.95 -21.67
N ALA B 196 -4.24 6.83 -22.97
CA ALA B 196 -3.18 6.42 -23.89
C ALA B 196 -2.04 7.43 -23.91
N ALA B 197 -2.35 8.73 -23.86
CA ALA B 197 -1.29 9.74 -23.91
C ALA B 197 -0.40 9.64 -22.68
N ARG B 198 -1.00 9.42 -21.51
CA ARG B 198 -0.22 9.18 -20.31
C ARG B 198 0.57 7.89 -20.41
N PHE B 199 -0.07 6.83 -20.91
CA PHE B 199 0.60 5.53 -21.05
C PHE B 199 1.86 5.66 -21.89
N LYS B 200 1.80 6.44 -22.97
CA LYS B 200 2.99 6.61 -23.81
C LYS B 200 4.16 7.16 -23.00
N LYS B 201 3.90 8.15 -22.14
CA LYS B 201 4.97 8.71 -21.32
C LYS B 201 5.51 7.67 -20.35
N VAL B 202 4.64 6.88 -19.75
CA VAL B 202 5.10 5.86 -18.81
C VAL B 202 5.92 4.80 -19.54
N ARG B 203 5.41 4.33 -20.68
CA ARG B 203 6.16 3.37 -21.47
C ARG B 203 7.57 3.86 -21.76
N ASP B 204 7.70 5.11 -22.23
CA ASP B 204 9.01 5.64 -22.57
C ASP B 204 9.94 5.60 -21.36
N PHE B 205 9.44 5.97 -20.19
CA PHE B 205 10.27 5.94 -18.98
C PHE B 205 10.67 4.51 -18.64
N VAL B 206 9.72 3.58 -18.69
CA VAL B 206 10.03 2.20 -18.36
C VAL B 206 11.09 1.64 -19.30
N GLU B 207 10.93 1.88 -20.61
CA GLU B 207 11.83 1.26 -21.58
C GLU B 207 13.19 1.95 -21.60
N GLN B 208 13.22 3.26 -21.40
CA GLN B 208 14.46 4.01 -21.59
C GLN B 208 15.24 4.24 -20.31
N LYS B 209 14.57 4.24 -19.16
CA LYS B 209 15.23 4.54 -17.89
C LYS B 209 15.14 3.37 -16.91
N TYR B 210 13.95 2.89 -16.60
CA TYR B 210 13.78 1.96 -15.48
C TYR B 210 14.40 0.60 -15.77
N VAL B 211 13.97 -0.10 -16.83
CA VAL B 211 14.56 -1.42 -17.09
C VAL B 211 16.06 -1.32 -17.27
N PRO B 212 16.59 -0.39 -18.07
CA PRO B 212 18.06 -0.30 -18.17
C PRO B 212 18.75 -0.05 -16.84
N VAL B 213 18.19 0.80 -15.97
CA VAL B 213 18.94 1.14 -14.77
C VAL B 213 19.02 -0.05 -13.81
N VAL B 214 18.00 -0.89 -13.79
CA VAL B 214 18.04 -2.06 -12.90
C VAL B 214 19.16 -3.00 -13.32
N TYR B 215 19.27 -3.28 -14.62
CA TYR B 215 20.36 -4.14 -15.08
C TYR B 215 21.71 -3.46 -14.87
N THR B 216 21.80 -2.15 -15.07
CA THR B 216 23.08 -1.45 -14.93
C THR B 216 23.52 -1.45 -13.48
N ILE B 217 22.62 -1.08 -12.57
CA ILE B 217 22.95 -1.15 -11.15
C ILE B 217 23.27 -2.58 -10.75
N GLY B 218 22.47 -3.52 -11.22
CA GLY B 218 22.75 -4.92 -10.95
C GLY B 218 24.14 -5.34 -11.37
N SER B 219 24.64 -4.76 -12.46
CA SER B 219 25.96 -5.15 -12.95
C SER B 219 27.08 -4.63 -12.07
N LYS B 220 26.80 -3.67 -11.19
CA LYS B 220 27.77 -3.21 -10.20
C LYS B 220 27.64 -3.95 -8.88
N TYR B 221 26.59 -4.76 -8.74
CA TYR B 221 26.28 -5.54 -7.55
C TYR B 221 26.03 -6.99 -7.92
N LYS B 222 26.94 -7.56 -8.72
CA LYS B 222 26.72 -8.92 -9.21
C LYS B 222 26.73 -9.92 -8.07
N ASP B 223 27.40 -9.60 -6.97
CA ASP B 223 27.34 -10.45 -5.77
C ASP B 223 25.92 -10.60 -5.23
N MET B 224 25.02 -9.66 -5.54
CA MET B 224 23.65 -9.72 -5.03
C MET B 224 22.76 -10.69 -5.81
N PHE B 225 23.26 -11.29 -6.89
CA PHE B 225 22.58 -12.43 -7.52
C PHE B 225 22.98 -13.75 -6.89
N LYS B 226 23.91 -13.75 -5.93
CA LYS B 226 24.46 -14.97 -5.35
C LYS B 226 23.96 -15.23 -3.94
N VAL B 227 23.00 -14.42 -3.47
CA VAL B 227 22.45 -14.51 -2.12
C VAL B 227 20.94 -14.30 -2.20
N GLY B 228 20.24 -14.75 -1.15
CA GLY B 228 18.81 -14.53 -1.06
C GLY B 228 17.94 -15.58 -1.70
N GLN B 229 18.47 -16.77 -1.96
CA GLN B 229 17.70 -17.81 -2.65
C GLN B 229 16.55 -18.34 -1.80
N GLY B 230 16.76 -18.50 -0.50
CA GLY B 230 15.72 -19.06 0.34
C GLY B 230 15.29 -20.43 -0.14
N PHE B 231 13.99 -20.67 -0.14
CA PHE B 231 13.45 -21.97 -0.52
C PHE B 231 13.42 -22.19 -2.03
N LYS B 232 13.61 -21.15 -2.84
CA LYS B 232 13.48 -21.27 -4.29
C LYS B 232 12.13 -21.91 -4.63
N ALA B 233 11.08 -21.39 -4.00
CA ALA B 233 9.73 -21.94 -4.13
C ALA B 233 8.73 -20.80 -4.24
N ALA B 234 7.79 -20.95 -5.16
CA ALA B 234 6.98 -19.82 -5.61
C ALA B 234 5.54 -20.21 -5.92
N LEU B 235 4.66 -19.22 -5.81
CA LEU B 235 3.23 -19.36 -6.04
C LEU B 235 2.72 -18.27 -6.96
N CYS B 236 1.83 -18.66 -7.88
CA CYS B 236 1.04 -17.74 -8.69
C CYS B 236 -0.37 -18.30 -8.80
N VAL B 237 -1.37 -17.46 -8.50
CA VAL B 237 -2.76 -17.89 -8.52
C VAL B 237 -3.51 -17.42 -9.76
N GLY B 238 -2.84 -16.71 -10.66
CA GLY B 238 -3.46 -16.21 -11.88
C GLY B 238 -4.02 -14.81 -11.72
N ALA B 239 -3.98 -14.06 -12.82
CA ALA B 239 -4.52 -12.71 -12.79
C ALA B 239 -4.68 -12.15 -14.19
N PHE B 240 -5.58 -11.16 -14.30
CA PHE B 240 -5.84 -10.36 -15.50
C PHE B 240 -6.46 -11.25 -16.58
N PRO B 241 -7.75 -11.56 -16.47
CA PRO B 241 -8.39 -12.38 -17.50
C PRO B 241 -8.31 -11.72 -18.86
N LEU B 242 -7.90 -12.49 -19.86
CA LEU B 242 -7.78 -11.99 -21.22
C LEU B 242 -8.98 -12.31 -22.10
N ASP B 243 -9.96 -13.05 -21.58
CA ASP B 243 -11.27 -13.19 -22.21
C ASP B 243 -12.28 -13.47 -21.09
N ASN B 244 -13.53 -13.74 -21.46
CA ASN B 244 -14.53 -14.09 -20.46
C ASN B 244 -14.65 -15.58 -20.23
N SER B 245 -13.68 -16.37 -20.69
CA SER B 245 -13.77 -17.82 -20.48
C SER B 245 -13.43 -18.21 -19.05
N GLY B 246 -12.64 -17.38 -18.37
CA GLY B 246 -12.09 -17.76 -17.09
C GLY B 246 -10.87 -18.65 -17.16
N LYS B 247 -10.33 -18.89 -18.36
CA LYS B 247 -9.25 -19.84 -18.55
C LYS B 247 -7.96 -19.24 -19.11
N LYS B 248 -8.02 -18.08 -19.77
CA LYS B 248 -6.83 -17.42 -20.33
C LYS B 248 -6.58 -16.15 -19.53
N HIS B 249 -5.36 -16.03 -18.97
CA HIS B 249 -5.00 -14.92 -18.10
C HIS B 249 -3.59 -14.46 -18.42
N LEU B 250 -3.32 -13.18 -18.14
CA LEU B 250 -1.99 -12.65 -18.40
C LEU B 250 -0.94 -13.38 -17.58
N PHE B 251 -1.28 -13.74 -16.35
CA PHE B 251 -0.45 -14.60 -15.51
C PHE B 251 -1.26 -15.86 -15.25
N MET B 252 -0.74 -16.98 -15.67
CA MET B 252 -1.42 -18.23 -15.41
C MET B 252 -0.96 -18.82 -14.07
N PRO B 253 -1.83 -19.56 -13.40
CA PRO B 253 -1.48 -20.07 -12.08
C PRO B 253 -0.50 -21.23 -12.14
N GLY B 254 0.24 -21.38 -11.06
CA GLY B 254 1.12 -22.52 -10.90
C GLY B 254 1.92 -22.39 -9.62
N VAL B 255 2.43 -23.53 -9.17
CA VAL B 255 3.31 -23.62 -8.03
C VAL B 255 4.65 -24.16 -8.51
N TYR B 256 5.73 -23.67 -7.91
CA TYR B 256 7.07 -24.15 -8.22
C TYR B 256 7.79 -24.43 -6.91
N ALA B 257 8.25 -25.66 -6.72
CA ALA B 257 8.94 -25.99 -5.49
C ALA B 257 9.83 -27.20 -5.74
N LYS B 258 10.96 -27.23 -5.03
CA LYS B 258 11.93 -28.31 -5.14
C LYS B 258 12.22 -28.64 -6.60
N GLY B 259 12.34 -27.59 -7.41
CA GLY B 259 12.73 -27.73 -8.80
C GLY B 259 11.65 -28.23 -9.73
N LYS B 260 10.39 -28.20 -9.29
CA LYS B 260 9.30 -28.81 -10.05
C LYS B 260 8.11 -27.86 -10.16
N ASP B 261 7.56 -27.76 -11.37
CA ASP B 261 6.30 -27.07 -11.59
C ASP B 261 5.15 -27.99 -11.25
N MET B 262 4.14 -27.45 -10.57
CA MET B 262 2.95 -28.22 -10.29
C MET B 262 1.71 -27.33 -10.41
N PRO B 263 0.53 -27.94 -10.53
CA PRO B 263 -0.70 -27.15 -10.61
C PRO B 263 -1.03 -26.52 -9.26
N PHE B 264 -1.83 -25.46 -9.32
CA PHE B 264 -2.28 -24.77 -8.12
C PHE B 264 -3.68 -25.25 -7.74
N ASP B 265 -3.80 -25.77 -6.53
CA ASP B 265 -5.07 -26.25 -5.98
C ASP B 265 -5.30 -25.44 -4.72
N PRO B 266 -6.24 -24.50 -4.71
CA PRO B 266 -6.40 -23.63 -3.52
C PRO B 266 -6.84 -24.37 -2.27
N SER B 267 -7.37 -25.58 -2.39
CA SER B 267 -7.76 -26.32 -1.19
C SER B 267 -6.56 -26.71 -0.34
N LYS B 268 -5.35 -26.61 -0.88
CA LYS B 268 -4.14 -26.98 -0.15
C LYS B 268 -3.61 -25.85 0.72
N ILE B 269 -4.21 -24.65 0.65
CA ILE B 269 -3.77 -23.52 1.47
C ILE B 269 -4.30 -23.70 2.89
N LYS B 270 -3.40 -23.59 3.87
CA LYS B 270 -3.80 -23.54 5.27
C LYS B 270 -3.01 -22.44 5.95
N GLU B 271 -3.63 -21.79 6.92
CA GLU B 271 -2.97 -20.73 7.68
C GLU B 271 -2.71 -21.20 9.11
N TYR B 272 -1.44 -21.22 9.49
CA TYR B 272 -0.99 -21.65 10.81
C TYR B 272 -0.71 -20.43 11.68
N VAL B 273 -0.83 -20.62 12.99
CA VAL B 273 -0.68 -19.49 13.90
C VAL B 273 0.17 -19.72 15.14
N LYS B 274 0.85 -20.86 15.24
CA LYS B 274 1.63 -21.14 16.45
C LYS B 274 2.51 -19.95 16.84
N TYR B 275 3.15 -19.31 15.85
CA TYR B 275 4.08 -18.22 16.10
C TYR B 275 3.46 -16.86 15.79
N SER B 276 2.14 -16.81 15.67
CA SER B 276 1.41 -15.59 15.35
C SER B 276 0.47 -15.27 16.51
N TRP B 277 0.17 -13.99 16.67
CA TRP B 277 -0.62 -13.53 17.82
C TRP B 277 -2.12 -13.74 17.58
N PHE B 278 -2.50 -15.00 17.44
CA PHE B 278 -3.88 -15.42 17.28
C PHE B 278 -4.13 -16.64 18.13
N ALA B 279 -5.40 -16.86 18.45
CA ALA B 279 -5.76 -17.95 19.33
C ALA B 279 -5.32 -19.31 18.77
N GLU B 280 -4.74 -20.12 19.65
CA GLU B 280 -4.16 -21.41 19.25
C GLU B 280 -5.16 -22.29 18.55
N GLU B 281 -6.44 -22.25 18.98
CA GLU B 281 -7.44 -23.14 18.40
C GLU B 281 -7.76 -22.81 16.95
N THR B 282 -7.29 -21.68 16.43
CA THR B 282 -7.58 -21.29 15.05
C THR B 282 -6.51 -21.74 14.06
N THR B 283 -5.54 -22.53 14.51
CA THR B 283 -4.44 -22.88 13.63
C THR B 283 -4.86 -23.93 12.61
N GLY B 284 -4.26 -23.84 11.41
CA GLY B 284 -4.42 -24.88 10.42
C GLY B 284 -5.67 -24.81 9.58
N LEU B 285 -6.23 -23.62 9.40
CA LEU B 285 -7.51 -23.47 8.72
C LEU B 285 -7.31 -23.03 7.27
N ASN B 286 -7.97 -23.74 6.35
CA ASN B 286 -8.16 -23.19 5.02
C ASN B 286 -9.00 -21.92 5.11
N TYR B 287 -8.80 -21.02 4.15
CA TYR B 287 -9.47 -19.71 4.20
C TYR B 287 -10.99 -19.83 4.19
N LYS B 288 -11.56 -20.88 3.60
CA LYS B 288 -13.01 -21.03 3.59
C LYS B 288 -13.57 -21.26 4.99
N GLU B 289 -12.72 -21.69 5.93
CA GLU B 289 -13.09 -21.87 7.33
C GLU B 289 -12.27 -20.94 8.22
N GLY B 290 -11.71 -19.89 7.65
CA GLY B 290 -10.76 -19.08 8.38
C GLY B 290 -11.41 -18.35 9.55
N LYS B 291 -10.59 -18.09 10.55
CA LYS B 291 -11.03 -17.36 11.74
C LYS B 291 -9.90 -16.44 12.17
N THR B 292 -10.27 -15.29 12.72
CA THR B 292 -9.30 -14.26 13.12
C THR B 292 -9.65 -13.83 14.54
N ILE B 293 -8.91 -14.40 15.48
CA ILE B 293 -9.10 -14.16 16.90
C ILE B 293 -7.76 -13.69 17.47
N PRO B 294 -7.55 -12.37 17.60
CA PRO B 294 -6.24 -11.90 18.05
C PRO B 294 -5.91 -12.36 19.47
N ALA B 295 -4.63 -12.63 19.69
CA ALA B 295 -4.11 -13.04 21.01
C ALA B 295 -2.75 -12.40 21.17
N PRO B 296 -2.71 -11.09 21.45
CA PRO B 296 -1.41 -10.39 21.47
C PRO B 296 -0.52 -10.75 22.65
N ASP B 297 -1.03 -11.47 23.63
CA ASP B 297 -0.22 -11.89 24.77
C ASP B 297 0.19 -13.35 24.70
N LYS B 298 0.05 -14.00 23.54
CA LYS B 298 0.32 -15.43 23.47
C LYS B 298 1.82 -15.70 23.51
N ALA B 299 2.24 -16.53 24.47
CA ALA B 299 3.65 -16.83 24.64
C ALA B 299 4.22 -17.49 23.39
N GLY B 300 5.41 -17.04 23.00
CA GLY B 300 6.15 -17.65 21.92
C GLY B 300 5.86 -17.09 20.55
N ALA B 301 4.72 -16.42 20.36
CA ALA B 301 4.39 -15.84 19.08
C ALA B 301 5.15 -14.53 18.88
N TYR B 302 5.35 -14.17 17.61
CA TYR B 302 6.15 -12.97 17.35
C TYR B 302 5.66 -12.14 16.16
N SER B 303 4.42 -12.30 15.71
CA SER B 303 3.98 -11.52 14.57
C SER B 303 2.46 -11.53 14.50
N PHE B 304 1.90 -10.47 13.93
CA PHE B 304 0.48 -10.44 13.58
C PHE B 304 0.20 -11.02 12.19
N VAL B 305 1.23 -11.48 11.48
CA VAL B 305 1.06 -12.15 10.20
C VAL B 305 0.82 -13.63 10.49
N LYS B 306 -0.26 -14.18 9.94
CA LYS B 306 -0.44 -15.63 9.99
C LYS B 306 0.58 -16.30 9.07
N ALA B 307 0.69 -17.63 9.16
CA ALA B 307 1.68 -18.36 8.38
C ALA B 307 0.99 -19.24 7.34
N PRO B 308 0.84 -18.77 6.11
CA PRO B 308 0.17 -19.60 5.09
C PRO B 308 1.14 -20.64 4.56
N ARG B 309 0.64 -21.85 4.37
CA ARG B 309 1.43 -22.92 3.77
C ARG B 309 0.59 -23.59 2.69
N TYR B 310 1.26 -24.02 1.63
CA TYR B 310 0.63 -24.65 0.48
C TYR B 310 1.00 -26.12 0.55
N ASP B 311 0.09 -26.98 1.03
CA ASP B 311 0.40 -28.40 1.21
C ASP B 311 1.67 -28.57 2.03
N GLY B 312 1.82 -27.72 3.05
CA GLY B 312 2.99 -27.72 3.91
C GLY B 312 4.20 -26.99 3.38
N LEU B 313 4.14 -26.45 2.16
CA LEU B 313 5.27 -25.75 1.59
C LEU B 313 5.23 -24.28 1.94
N SER B 314 6.40 -23.71 2.21
CA SER B 314 6.58 -22.28 2.40
C SER B 314 7.02 -21.69 1.06
N LEU B 315 6.16 -20.87 0.48
CA LEU B 315 6.36 -20.31 -0.86
C LEU B 315 6.46 -18.79 -0.80
N GLU B 316 7.15 -18.23 -1.80
CA GLU B 316 7.16 -16.79 -2.01
C GLU B 316 6.25 -16.41 -3.17
N VAL B 317 5.89 -15.12 -3.22
CA VAL B 317 5.03 -14.56 -4.24
C VAL B 317 5.63 -13.25 -4.74
N GLY B 318 5.11 -12.78 -5.87
CA GLY B 318 5.51 -11.51 -6.43
C GLY B 318 5.96 -11.61 -7.86
N PRO B 319 6.61 -10.56 -8.36
CA PRO B 319 7.06 -10.59 -9.77
C PRO B 319 7.94 -11.77 -10.12
N LEU B 320 8.96 -12.07 -9.30
CA LEU B 320 9.78 -13.24 -9.57
C LEU B 320 8.92 -14.50 -9.67
N ALA B 321 8.02 -14.69 -8.69
CA ALA B 321 7.17 -15.88 -8.72
C ALA B 321 6.38 -15.96 -10.01
N ARG B 322 5.73 -14.86 -10.40
CA ARG B 322 4.91 -14.87 -11.60
C ARG B 322 5.76 -15.06 -12.86
N MET B 323 6.88 -14.35 -12.94
CA MET B 323 7.71 -14.43 -14.13
C MET B 323 8.38 -15.79 -14.24
N TRP B 324 8.76 -16.38 -13.11
CA TRP B 324 9.30 -17.74 -13.14
C TRP B 324 8.22 -18.74 -13.53
N VAL B 325 7.04 -18.66 -12.92
CA VAL B 325 5.98 -19.62 -13.23
C VAL B 325 5.57 -19.52 -14.69
N ASN B 326 5.47 -18.29 -15.22
CA ASN B 326 4.93 -18.09 -16.56
C ASN B 326 5.99 -18.08 -17.65
N ASN B 327 7.24 -17.80 -17.29
CA ASN B 327 8.38 -17.85 -18.21
C ASN B 327 8.16 -17.10 -19.52
N PRO B 328 7.83 -15.82 -19.46
CA PRO B 328 7.71 -15.03 -20.69
C PRO B 328 9.07 -14.73 -21.31
N GLU B 329 9.03 -14.33 -22.57
CA GLU B 329 10.22 -13.80 -23.23
C GLU B 329 10.69 -12.55 -22.50
N LEU B 330 12.01 -12.39 -22.41
CA LEU B 330 12.56 -11.20 -21.79
C LEU B 330 12.40 -10.00 -22.71
N SER B 331 12.46 -8.81 -22.10
CA SER B 331 12.41 -7.57 -22.86
C SER B 331 13.63 -7.46 -23.77
N PRO B 332 13.54 -6.66 -24.84
CA PRO B 332 14.73 -6.45 -25.67
C PRO B 332 15.89 -5.85 -24.89
N VAL B 333 15.59 -4.90 -24.00
CA VAL B 333 16.60 -4.31 -23.11
C VAL B 333 17.30 -5.39 -22.31
N GLY B 334 16.53 -6.26 -21.67
CA GLY B 334 17.12 -7.27 -20.82
C GLY B 334 18.00 -8.23 -21.59
N LYS B 335 17.53 -8.70 -22.74
CA LYS B 335 18.37 -9.58 -23.54
C LYS B 335 19.70 -8.92 -23.85
N LYS B 336 19.68 -7.65 -24.26
CA LYS B 336 20.92 -6.98 -24.65
C LYS B 336 21.84 -6.78 -23.45
N LEU B 337 21.30 -6.29 -22.34
CA LEU B 337 22.17 -5.96 -21.22
C LEU B 337 22.64 -7.20 -20.47
N LEU B 338 21.82 -8.25 -20.42
CA LEU B 338 22.31 -9.51 -19.89
C LEU B 338 23.55 -9.97 -20.64
N LYS B 339 23.55 -9.83 -21.97
CA LYS B 339 24.73 -10.21 -22.75
C LYS B 339 25.88 -9.26 -22.51
N ASP B 340 25.63 -7.95 -22.63
CA ASP B 340 26.71 -6.98 -22.65
C ASP B 340 27.30 -6.76 -21.26
N LEU B 341 26.46 -6.76 -20.22
CA LEU B 341 26.95 -6.46 -18.89
C LEU B 341 27.20 -7.70 -18.04
N PHE B 342 26.58 -8.83 -18.38
CA PHE B 342 26.72 -10.05 -17.60
C PHE B 342 27.29 -11.22 -18.38
N GLY B 343 27.38 -11.13 -19.70
CA GLY B 343 27.83 -12.27 -20.49
C GLY B 343 26.85 -13.41 -20.51
N ILE B 344 25.56 -13.11 -20.35
CA ILE B 344 24.51 -14.12 -20.25
C ILE B 344 23.69 -14.08 -21.53
N SER B 345 23.55 -15.25 -22.17
CA SER B 345 22.68 -15.40 -23.33
C SER B 345 21.33 -15.89 -22.83
N ALA B 346 20.31 -15.03 -22.94
CA ALA B 346 18.99 -15.37 -22.42
C ALA B 346 17.92 -14.89 -23.38
N LYS B 347 16.90 -15.71 -23.58
CA LYS B 347 15.72 -15.35 -24.35
C LYS B 347 14.47 -15.27 -23.49
N LYS B 348 14.27 -16.23 -22.61
CA LYS B 348 13.11 -16.28 -21.74
C LYS B 348 13.56 -16.14 -20.29
N PHE B 349 12.60 -15.79 -19.44
CA PHE B 349 12.93 -15.44 -18.06
C PHE B 349 13.73 -16.55 -17.37
N ARG B 350 13.33 -17.81 -17.54
CA ARG B 350 14.02 -18.88 -16.85
C ARG B 350 15.46 -19.07 -17.32
N ASP B 351 15.84 -18.47 -18.46
CA ASP B 351 17.23 -18.55 -18.90
C ASP B 351 18.18 -17.83 -17.95
N LEU B 352 17.68 -17.02 -17.03
CA LEU B 352 18.55 -16.50 -15.98
C LEU B 352 19.10 -17.60 -15.11
N GLY B 353 18.43 -18.74 -15.04
CA GLY B 353 18.77 -19.80 -14.10
C GLY B 353 18.07 -19.61 -12.76
N GLU B 354 17.77 -20.75 -12.13
CA GLU B 354 17.04 -20.70 -10.86
C GLU B 354 17.78 -19.89 -9.80
N GLU B 355 19.10 -20.08 -9.69
CA GLU B 355 19.86 -19.44 -8.62
C GLU B 355 19.91 -17.94 -8.78
N ALA B 356 20.11 -17.45 -10.01
CA ALA B 356 20.19 -16.01 -10.20
C ALA B 356 18.82 -15.35 -10.16
N ALA B 357 17.78 -16.05 -10.62
CA ALA B 357 16.44 -15.48 -10.58
C ALA B 357 15.95 -15.35 -9.15
N PHE B 358 16.07 -16.43 -8.37
CA PHE B 358 15.73 -16.44 -6.94
C PHE B 358 16.92 -15.87 -6.15
N SER B 359 17.11 -14.57 -6.28
CA SER B 359 18.18 -13.90 -5.56
C SER B 359 17.72 -12.50 -5.22
N LEU B 360 18.51 -11.82 -4.38
CA LEU B 360 18.21 -10.44 -4.03
C LEU B 360 18.06 -9.59 -5.29
N MET B 361 19.10 -9.55 -6.12
CA MET B 361 19.02 -8.70 -7.30
C MET B 361 18.06 -9.28 -8.33
N GLY B 362 17.94 -10.60 -8.38
CA GLY B 362 17.00 -11.22 -9.31
C GLY B 362 15.57 -10.77 -9.11
N ARG B 363 15.16 -10.53 -7.86
CA ARG B 363 13.80 -10.06 -7.63
C ARG B 363 13.59 -8.65 -8.14
N HIS B 364 14.62 -7.79 -8.07
CA HIS B 364 14.51 -6.48 -8.72
C HIS B 364 14.44 -6.61 -10.23
N VAL B 365 15.25 -7.50 -10.81
CA VAL B 365 15.19 -7.70 -12.26
C VAL B 365 13.82 -8.21 -12.68
N ALA B 366 13.28 -9.17 -11.95
CA ALA B 366 11.97 -9.73 -12.28
C ALA B 366 10.91 -8.64 -12.29
N ARG B 367 10.97 -7.73 -11.31
CA ARG B 367 9.98 -6.68 -11.19
C ARG B 367 10.08 -5.70 -12.35
N ALA B 368 11.31 -5.38 -12.78
CA ALA B 368 11.48 -4.51 -13.94
C ALA B 368 10.99 -5.19 -15.20
N GLU B 369 11.37 -6.45 -15.41
CA GLU B 369 10.90 -7.19 -16.58
C GLU B 369 9.38 -7.29 -16.58
N GLU B 370 8.79 -7.52 -15.41
CA GLU B 370 7.33 -7.62 -15.34
C GLU B 370 6.66 -6.31 -15.72
N THR B 371 7.24 -5.18 -15.29
CA THR B 371 6.72 -3.89 -15.71
C THR B 371 6.69 -3.78 -17.22
N TYR B 372 7.79 -4.17 -17.88
CA TYR B 372 7.81 -4.17 -19.34
C TYR B 372 6.72 -5.09 -19.90
N TYR B 373 6.57 -6.28 -19.34
CA TYR B 373 5.54 -7.21 -19.78
C TYR B 373 4.14 -6.60 -19.67
N MET B 374 3.89 -5.86 -18.58
CA MET B 374 2.58 -5.25 -18.40
CA MET B 374 2.58 -5.24 -18.39
C MET B 374 2.29 -4.18 -19.44
N LEU B 375 3.32 -3.49 -19.92
CA LEU B 375 3.11 -2.50 -20.98
C LEU B 375 2.39 -3.13 -22.17
N GLY B 376 2.83 -4.32 -22.59
CA GLY B 376 2.23 -4.96 -23.75
C GLY B 376 0.79 -5.35 -23.49
N ALA B 377 0.48 -5.75 -22.26
CA ALA B 377 -0.89 -6.10 -21.90
C ALA B 377 -1.80 -4.87 -21.97
N ILE B 378 -1.35 -3.76 -21.40
CA ILE B 378 -2.14 -2.52 -21.43
C ILE B 378 -2.31 -2.04 -22.87
N GLU B 379 -1.25 -2.10 -23.67
CA GLU B 379 -1.38 -1.75 -25.08
C GLU B 379 -2.48 -2.56 -25.73
N GLY B 380 -2.51 -3.87 -25.48
CA GLY B 380 -3.55 -4.71 -26.05
C GLY B 380 -4.94 -4.33 -25.58
N TRP B 381 -5.10 -4.06 -24.28
CA TRP B 381 -6.43 -3.68 -23.76
C TRP B 381 -6.89 -2.36 -24.36
N LEU B 382 -5.95 -1.45 -24.64
CA LEU B 382 -6.34 -0.19 -25.27
C LEU B 382 -6.82 -0.38 -26.69
N LYS B 383 -6.35 -1.43 -27.37
CA LYS B 383 -6.86 -1.77 -28.70
C LYS B 383 -8.15 -2.59 -28.63
N GLU B 384 -8.41 -3.25 -27.50
CA GLU B 384 -9.53 -4.16 -27.37
C GLU B 384 -10.78 -3.47 -26.84
N ILE B 385 -10.61 -2.51 -25.92
CA ILE B 385 -11.74 -1.80 -25.34
C ILE B 385 -12.58 -1.14 -26.41
N LYS B 386 -13.89 -1.08 -26.16
CA LYS B 386 -14.84 -0.42 -27.06
C LYS B 386 -15.41 0.79 -26.35
N ALA B 387 -15.09 1.98 -26.85
CA ALA B 387 -15.66 3.18 -26.27
C ALA B 387 -17.17 3.11 -26.33
N GLY B 388 -17.82 3.44 -25.20
CA GLY B 388 -19.25 3.55 -25.15
C GLY B 388 -20.01 2.29 -24.78
N GLU B 389 -19.35 1.13 -24.77
CA GLU B 389 -20.03 -0.13 -24.48
C GLU B 389 -20.15 -0.34 -22.98
N ASP B 390 -21.33 -0.77 -22.53
CA ASP B 390 -21.63 -0.83 -21.11
C ASP B 390 -20.68 -1.77 -20.38
N THR B 391 -20.36 -1.41 -19.14
CA THR B 391 -19.32 -2.06 -18.37
C THR B 391 -19.82 -2.66 -17.06
N VAL B 392 -21.10 -2.58 -16.76
CA VAL B 392 -21.60 -3.03 -15.46
C VAL B 392 -22.99 -3.67 -15.61
N VAL B 393 -23.25 -4.65 -14.74
CA VAL B 393 -24.59 -5.14 -14.45
C VAL B 393 -24.89 -4.82 -12.98
N MET B 394 -26.18 -4.85 -12.64
CA MET B 394 -26.69 -4.45 -11.32
C MET B 394 -27.38 -5.63 -10.67
N PRO B 395 -26.62 -6.54 -10.06
CA PRO B 395 -27.22 -7.75 -9.48
C PRO B 395 -27.83 -7.50 -8.12
N ALA B 396 -28.85 -8.31 -7.80
CA ALA B 396 -29.44 -8.31 -6.48
C ALA B 396 -28.49 -8.94 -5.47
N VAL B 397 -28.53 -8.43 -4.24
CA VAL B 397 -27.73 -9.03 -3.17
C VAL B 397 -28.37 -10.35 -2.76
N PRO B 398 -27.62 -11.46 -2.75
CA PRO B 398 -28.20 -12.72 -2.28
C PRO B 398 -28.31 -12.78 -0.76
N ALA B 399 -29.25 -13.61 -0.29
CA ALA B 399 -29.38 -13.85 1.14
C ALA B 399 -28.28 -14.78 1.64
N SER B 400 -27.97 -15.82 0.87
CA SER B 400 -26.97 -16.81 1.22
CA SER B 400 -26.98 -16.82 1.21
C SER B 400 -26.10 -17.07 0.00
N ALA B 401 -24.79 -17.03 0.20
CA ALA B 401 -23.86 -17.21 -0.91
C ALA B 401 -22.44 -17.28 -0.38
N GLU B 402 -21.53 -17.76 -1.23
CA GLU B 402 -20.11 -17.70 -0.94
C GLU B 402 -19.38 -17.46 -2.26
N GLY B 403 -18.21 -16.85 -2.16
CA GLY B 403 -17.40 -16.62 -3.34
C GLY B 403 -15.96 -16.39 -2.97
N THR B 404 -15.08 -16.70 -3.92
CA THR B 404 -13.65 -16.47 -3.75
C THR B 404 -13.14 -15.73 -4.97
N GLY B 405 -12.35 -14.68 -4.72
CA GLY B 405 -11.70 -13.93 -5.77
C GLY B 405 -10.20 -14.12 -5.66
N PHE B 406 -9.59 -14.52 -6.78
CA PHE B 406 -8.15 -14.73 -6.87
C PHE B 406 -7.59 -13.72 -7.85
N THR B 407 -6.49 -13.08 -7.48
CA THR B 407 -5.75 -12.22 -8.41
C THR B 407 -4.30 -12.16 -7.95
N GLU B 408 -3.50 -11.39 -8.67
CA GLU B 408 -2.10 -11.15 -8.34
C GLU B 408 -1.96 -9.66 -8.07
N ALA B 409 -1.73 -9.29 -6.81
CA ALA B 409 -1.38 -7.92 -6.48
C ALA B 409 0.04 -7.68 -6.98
N PRO B 410 0.46 -6.42 -7.09
CA PRO B 410 1.85 -6.17 -7.53
C PRO B 410 2.90 -6.95 -6.73
N ARG B 411 2.63 -7.25 -5.46
CA ARG B 411 3.58 -7.96 -4.62
C ARG B 411 3.34 -9.46 -4.55
N GLY B 412 2.23 -9.95 -5.08
CA GLY B 412 2.03 -11.39 -5.16
C GLY B 412 0.58 -11.79 -5.02
N SER B 413 0.40 -13.10 -4.85
CA SER B 413 -0.92 -13.72 -4.90
C SER B 413 -1.83 -13.19 -3.80
N LEU B 414 -3.09 -12.96 -4.18
CA LEU B 414 -4.09 -12.38 -3.30
C LEU B 414 -5.40 -13.10 -3.52
N LEU B 415 -6.05 -13.50 -2.44
CA LEU B 415 -7.39 -14.03 -2.53
C LEU B 415 -8.24 -13.45 -1.42
N HIS B 416 -9.50 -13.22 -1.74
CA HIS B 416 -10.53 -12.85 -0.78
C HIS B 416 -11.64 -13.88 -0.85
N TYR B 417 -12.10 -14.34 0.30
CA TYR B 417 -13.22 -15.26 0.42
C TYR B 417 -14.33 -14.58 1.21
N VAL B 418 -15.55 -14.65 0.70
CA VAL B 418 -16.71 -14.07 1.37
C VAL B 418 -17.81 -15.12 1.51
N LYS B 419 -18.38 -15.20 2.70
CA LYS B 419 -19.57 -15.98 2.96
C LYS B 419 -20.66 -15.01 3.40
N VAL B 420 -21.81 -15.07 2.72
CA VAL B 420 -22.95 -14.19 2.98
C VAL B 420 -24.05 -15.03 3.63
N LYS B 421 -24.66 -14.48 4.67
CA LYS B 421 -25.79 -15.09 5.37
C LYS B 421 -26.71 -13.97 5.82
N ASP B 422 -28.02 -14.17 5.63
CA ASP B 422 -29.00 -13.13 5.91
C ASP B 422 -28.65 -11.82 5.21
N SER B 423 -28.10 -11.93 4.01
CA SER B 423 -27.77 -10.80 3.13
C SER B 423 -26.66 -9.92 3.70
N LYS B 424 -25.86 -10.46 4.63
CA LYS B 424 -24.78 -9.73 5.27
CA LYS B 424 -24.78 -9.73 5.27
C LYS B 424 -23.53 -10.60 5.30
N ILE B 425 -22.39 -9.95 5.49
CA ILE B 425 -21.14 -10.70 5.55
C ILE B 425 -21.12 -11.53 6.83
N ASP B 426 -21.04 -12.84 6.66
CA ASP B 426 -20.88 -13.78 7.78
C ASP B 426 -19.41 -14.08 8.05
N ASN B 427 -18.60 -14.20 7.01
CA ASN B 427 -17.16 -14.35 7.15
C ASN B 427 -16.52 -13.69 5.94
N TYR B 428 -15.34 -13.12 6.14
CA TYR B 428 -14.53 -12.57 5.07
C TYR B 428 -13.08 -12.86 5.43
N GLN B 429 -12.37 -13.57 4.56
CA GLN B 429 -11.01 -13.97 4.85
C GLN B 429 -10.09 -13.53 3.72
N ILE B 430 -8.95 -12.95 4.09
CA ILE B 430 -8.00 -12.40 3.15
C ILE B 430 -6.68 -13.13 3.32
N VAL B 431 -6.12 -13.59 2.19
CA VAL B 431 -4.82 -14.25 2.16
C VAL B 431 -4.06 -13.47 1.09
N SER B 432 -3.11 -12.62 1.53
CA SER B 432 -2.53 -11.59 0.69
C SER B 432 -1.07 -11.88 0.34
N ALA B 433 -0.52 -11.04 -0.52
CA ALA B 433 0.82 -11.29 -1.07
C ALA B 433 1.89 -11.26 0.00
N SER B 434 2.02 -10.13 0.72
CA SER B 434 3.08 -10.04 1.71
C SER B 434 2.85 -10.97 2.89
N LEU B 435 1.64 -11.50 3.04
CA LEU B 435 1.41 -12.61 3.96
C LEU B 435 2.25 -13.82 3.56
N TRP B 436 2.24 -14.15 2.26
CA TRP B 436 3.05 -15.27 1.77
C TRP B 436 4.54 -15.00 1.96
N ASN B 437 4.98 -13.75 1.80
CA ASN B 437 6.41 -13.49 1.87
C ASN B 437 6.92 -13.25 3.28
N CYS B 438 6.20 -12.47 4.09
CA CYS B 438 6.72 -11.91 5.34
C CYS B 438 6.17 -12.59 6.59
N ASN B 439 5.75 -13.84 6.48
CA ASN B 439 5.13 -14.54 7.59
C ASN B 439 6.17 -15.18 8.50
N PRO B 440 5.77 -15.51 9.73
CA PRO B 440 6.66 -16.19 10.67
C PRO B 440 6.63 -17.70 10.46
N ARG B 441 7.31 -18.41 11.36
CA ARG B 441 7.33 -19.87 11.29
C ARG B 441 5.93 -20.45 11.39
N ASP B 442 5.74 -21.60 10.76
CA ASP B 442 4.51 -22.37 10.90
C ASP B 442 4.60 -23.25 12.14
N ASP B 443 3.58 -24.10 12.33
CA ASP B 443 3.47 -24.89 13.55
C ASP B 443 4.56 -25.95 13.68
N MET B 444 5.23 -26.32 12.59
CA MET B 444 6.36 -27.23 12.68
C MET B 444 7.70 -26.51 12.71
N GLY B 445 7.70 -25.18 12.74
CA GLY B 445 8.92 -24.42 12.85
C GLY B 445 9.58 -24.06 11.56
N GLN B 446 8.93 -24.33 10.43
CA GLN B 446 9.46 -23.98 9.12
C GLN B 446 9.27 -22.48 8.88
N ARG B 447 10.33 -21.83 8.43
CA ARG B 447 10.32 -20.38 8.31
C ARG B 447 9.48 -19.92 7.13
N GLY B 448 9.05 -18.66 7.20
CA GLY B 448 8.45 -18.00 6.06
C GLY B 448 9.48 -17.68 5.00
N ALA B 449 8.99 -17.23 3.83
CA ALA B 449 9.84 -17.17 2.65
C ALA B 449 10.97 -16.16 2.82
N VAL B 450 10.66 -14.96 3.30
CA VAL B 450 11.70 -13.96 3.50
C VAL B 450 12.62 -14.36 4.65
N GLU B 451 12.06 -14.90 5.75
CA GLU B 451 12.91 -15.39 6.83
C GLU B 451 13.94 -16.38 6.28
N GLU B 452 13.52 -17.27 5.39
CA GLU B 452 14.43 -18.26 4.85
C GLU B 452 15.40 -17.62 3.85
N ALA B 453 14.93 -16.66 3.05
CA ALA B 453 15.79 -15.99 2.08
C ALA B 453 16.87 -15.15 2.76
N LEU B 454 16.68 -14.77 4.02
CA LEU B 454 17.71 -14.04 4.76
C LEU B 454 18.89 -14.95 5.12
N ILE B 455 18.67 -16.26 5.19
CA ILE B 455 19.75 -17.16 5.57
C ILE B 455 20.86 -17.06 4.53
N GLY B 456 22.10 -16.89 5.00
CA GLY B 456 23.25 -16.76 4.12
C GLY B 456 23.56 -15.34 3.72
N ILE B 457 22.71 -14.38 4.05
CA ILE B 457 22.99 -13.00 3.66
C ILE B 457 24.29 -12.54 4.32
N PRO B 458 25.22 -11.96 3.56
CA PRO B 458 26.50 -11.55 4.17
C PRO B 458 26.38 -10.28 5.00
N VAL B 459 27.03 -10.32 6.16
CA VAL B 459 27.16 -9.16 7.05
C VAL B 459 28.63 -9.11 7.45
N ASP B 460 29.45 -8.49 6.60
CA ASP B 460 30.87 -8.34 6.87
C ASP B 460 31.15 -7.26 7.91
N ASP B 461 30.17 -6.41 8.20
CA ASP B 461 30.34 -5.30 9.13
C ASP B 461 29.08 -5.19 9.97
N ILE B 462 29.13 -5.64 11.22
CA ILE B 462 27.92 -5.68 12.03
C ILE B 462 27.45 -4.28 12.41
N GLN B 463 28.30 -3.27 12.31
CA GLN B 463 27.89 -1.89 12.57
C GLN B 463 27.21 -1.26 11.36
N ASN B 464 27.30 -1.89 10.19
CA ASN B 464 26.65 -1.41 8.97
C ASN B 464 26.03 -2.61 8.27
N PRO B 465 25.01 -3.23 8.87
CA PRO B 465 24.47 -4.50 8.35
C PRO B 465 23.47 -4.28 7.22
N VAL B 466 23.91 -3.60 6.16
CA VAL B 466 22.96 -3.08 5.19
C VAL B 466 22.28 -4.18 4.39
N ASN B 467 22.92 -5.34 4.24
CA ASN B 467 22.36 -6.34 3.35
C ASN B 467 21.12 -7.01 3.92
N VAL B 468 20.88 -6.88 5.22
CA VAL B 468 19.70 -7.47 5.82
C VAL B 468 18.44 -6.83 5.24
N ALA B 469 18.33 -5.50 5.35
CA ALA B 469 17.16 -4.82 4.81
C ALA B 469 17.19 -4.76 3.28
N ARG B 470 18.36 -4.77 2.65
CA ARG B 470 18.37 -4.85 1.19
C ARG B 470 17.65 -6.10 0.72
N LEU B 471 17.90 -7.23 1.38
CA LEU B 471 17.22 -8.47 1.01
C LEU B 471 15.72 -8.33 1.20
N ILE B 472 15.30 -7.81 2.36
CA ILE B 472 13.88 -7.66 2.64
C ILE B 472 13.22 -6.79 1.57
N ARG B 473 13.88 -5.68 1.21
CA ARG B 473 13.27 -4.75 0.27
C ARG B 473 13.12 -5.35 -1.12
N ALA B 474 13.96 -6.32 -1.50
CA ALA B 474 13.81 -6.94 -2.80
C ALA B 474 12.45 -7.60 -2.98
N PHE B 475 11.82 -8.00 -1.87
CA PHE B 475 10.49 -8.60 -1.89
C PHE B 475 9.37 -7.57 -1.87
N ASP B 476 9.68 -6.28 -1.75
CA ASP B 476 8.68 -5.22 -1.79
C ASP B 476 7.59 -5.45 -0.73
N PRO B 477 7.99 -5.60 0.55
CA PRO B 477 7.00 -5.93 1.58
C PRO B 477 6.02 -4.85 1.86
N SEC B 478 4.77 -5.22 2.16
N SEC B 478 4.82 -5.30 2.24
N SEC B 478 4.83 -5.28 2.27
N SEC B 478 4.81 -5.28 2.18
CA SEC B 478 3.82 -4.23 2.68
CA SEC B 478 3.67 -4.47 2.58
CA SEC B 478 3.67 -4.43 2.61
CA SEC B 478 3.80 -4.38 2.65
C SEC B 478 2.99 -4.90 3.76
C SEC B 478 3.04 -5.09 3.80
C SEC B 478 3.04 -5.07 3.79
C SEC B 478 3.11 -5.07 3.78
N LEU B 479 3.41 -4.65 4.99
CA LEU B 479 2.87 -5.30 6.20
C LEU B 479 1.43 -4.96 6.50
N ALA B 480 0.94 -3.83 5.98
CA ALA B 480 -0.49 -3.57 6.06
C ALA B 480 -1.26 -4.68 5.35
N CYS B 481 -0.83 -5.05 4.15
CA CYS B 481 -1.46 -6.17 3.46
C CYS B 481 -1.27 -7.48 4.21
N ALA B 482 -0.07 -7.71 4.74
CA ALA B 482 0.24 -9.00 5.34
C ALA B 482 -0.64 -9.28 6.55
N VAL B 483 -0.96 -8.26 7.33
CA VAL B 483 -1.70 -8.42 8.59
C VAL B 483 -3.19 -8.14 8.42
N HIS B 484 -3.53 -7.04 7.75
CA HIS B 484 -4.91 -6.59 7.60
C HIS B 484 -5.68 -6.61 8.92
FE1 SF4 C . -24.80 12.92 -4.95
FE2 SF4 C . -26.29 15.16 -4.36
FE3 SF4 C . -27.04 13.63 -6.45
FE4 SF4 C . -24.75 15.16 -6.54
S1 SF4 C . -26.91 15.92 -6.45
S2 SF4 C . -25.00 12.98 -7.26
S3 SF4 C . -24.01 14.99 -4.36
S4 SF4 C . -26.96 12.96 -4.23
FE1 SF4 D . -14.33 11.44 -0.20
FE2 SF4 D . -16.80 12.04 -1.27
FE3 SF4 D . -14.79 11.11 -2.86
FE4 SF4 D . -14.64 13.64 -1.90
S1 SF4 D . -16.22 12.86 -3.34
S2 SF4 D . -12.98 12.08 -1.93
S3 SF4 D . -15.61 13.33 0.18
S4 SF4 D . -15.79 9.96 -1.14
FE1 SF4 E . -5.49 4.73 4.82
FE2 SF4 E . -6.61 5.64 7.04
FE3 SF4 E . -7.81 5.94 4.63
FE4 SF4 E . -5.45 7.35 5.19
S1 SF4 E . -7.51 7.58 6.20
S2 SF4 E . -6.04 6.31 3.23
S3 SF4 E . -4.37 5.82 6.52
S4 SF4 E . -7.46 3.94 5.72
FE1 6ML F . -5.58 4.53 4.30
FE2 6ML F . -3.92 6.77 6.31
FE3 6ML F . -8.04 5.86 4.97
FE4 6ML F . -6.96 5.89 7.52
S1 6ML F . -4.64 8.54 5.01
S2 6ML F . -6.58 6.27 3.23
S3 6ML F . -6.96 4.16 6.04
S4 6ML F . -7.76 7.68 6.36
O24 6ML F . -5.19 6.42 7.59
O12 6ML F . -4.13 5.30 5.21
C1 GOL G . -17.20 4.00 12.08
O1 GOL G . -18.00 4.38 11.10
C2 GOL G . -16.76 5.32 12.65
O2 GOL G . -17.74 5.89 13.44
C3 GOL G . -15.49 4.93 13.40
O3 GOL G . -15.06 6.11 14.02
H11 GOL G . -17.63 3.45 12.75
H12 GOL G . -16.43 3.48 11.78
HO1 GOL G . -18.45 5.00 11.43
H2 GOL G . -16.57 5.99 11.99
HO2 GOL G . -18.49 5.78 13.05
H31 GOL G . -15.69 4.21 14.02
H32 GOL G . -14.85 4.56 12.77
HO3 GOL G . -14.96 5.92 14.85
O1 OXY H . 12.53 14.71 -3.01
O2 OXY H . 12.96 14.82 -4.13
O1 OXY I . 5.77 10.84 1.48
O2 OXY I . 6.62 11.70 1.51
FE FCO J . -0.65 -5.62 -1.24
C1 FCO J . 0.63 -6.72 -0.51
N1 FCO J . 1.48 -7.40 -0.10
C2 FCO J . 0.22 -5.58 -2.85
N2 FCO J . 0.78 -5.56 -3.86
C3 FCO J . -1.65 -7.10 -1.56
O3 FCO J . -2.23 -8.04 -1.75
NI NI K . -0.30 -3.56 -0.02
FE FE2 L . -6.10 -13.04 6.66
S H2S M . 1.26 -2.95 -1.05
S H2S N . -2.69 -2.83 -6.81
O1 OXY O . 18.04 8.05 -4.74
O2 OXY O . 17.92 9.13 -4.21
O1 OXY P . 21.97 -13.30 -13.77
O2 OXY P . 21.95 -12.10 -13.88
O1 OXY Q . 9.41 9.65 -2.24
O2 OXY Q . 9.34 10.62 -1.53
#